data_1A7Z
# 
_entry.id   1A7Z 
# 
_audit_conform.dict_name       mmcif_pdbx.dic 
_audit_conform.dict_version    5.395 
_audit_conform.dict_location   http://mmcif.pdb.org/dictionaries/ascii/mmcif_pdbx.dic 
# 
loop_
_database_2.database_id 
_database_2.database_code 
_database_2.pdbx_database_accession 
_database_2.pdbx_DOI 
PDB   1A7Z         pdb_00001a7z 10.2210/pdb1a7z/pdb 
WWPDB D_1000170506 ?            ?                   
# 
loop_
_pdbx_audit_revision_history.ordinal 
_pdbx_audit_revision_history.data_content_type 
_pdbx_audit_revision_history.major_revision 
_pdbx_audit_revision_history.minor_revision 
_pdbx_audit_revision_history.revision_date 
1 'Structure model' 1 0 1999-03-23 
2 'Structure model' 1 1 2011-06-14 
3 'Structure model' 1 2 2011-07-13 
4 'Structure model' 1 3 2011-07-27 
5 'Structure model' 1 4 2012-12-12 
6 'Structure model' 1 5 2018-03-07 
7 'Structure model' 1 6 2019-11-13 
8 'Structure model' 2 0 2023-11-15 
9 'Structure model' 3 0 2024-07-10 
# 
_pdbx_audit_revision_details.ordinal             1 
_pdbx_audit_revision_details.revision_ordinal    1 
_pdbx_audit_revision_details.data_content_type   'Structure model' 
_pdbx_audit_revision_details.provider            repository 
_pdbx_audit_revision_details.type                'Initial release' 
_pdbx_audit_revision_details.description         ? 
_pdbx_audit_revision_details.details             ? 
# 
loop_
_pdbx_audit_revision_group.ordinal 
_pdbx_audit_revision_group.revision_ordinal 
_pdbx_audit_revision_group.data_content_type 
_pdbx_audit_revision_group.group 
1  2 'Structure model' 'Version format compliance' 
2  3 'Structure model' 'Version format compliance' 
3  4 'Structure model' 'Atomic model'              
4  4 'Structure model' 'Database references'       
5  4 'Structure model' 'Derived calculations'      
6  4 'Structure model' 'Non-polymer description'   
7  4 'Structure model' 'Structure summary'         
8  5 'Structure model' Other                       
9  6 'Structure model' Advisory                    
10 6 'Structure model' 'Data collection'           
11 6 'Structure model' Other                       
12 7 'Structure model' 'Database references'       
13 7 'Structure model' 'Derived calculations'      
14 8 'Structure model' 'Atomic model'              
15 8 'Structure model' 'Data collection'           
16 8 'Structure model' 'Database references'       
17 8 'Structure model' 'Derived calculations'      
18 9 'Structure model' 'Data collection'           
19 9 'Structure model' 'Derived calculations'      
20 9 'Structure model' 'Non-polymer description'   
21 9 'Structure model' 'Structure summary'         
# 
loop_
_pdbx_audit_revision_category.ordinal 
_pdbx_audit_revision_category.revision_ordinal 
_pdbx_audit_revision_category.data_content_type 
_pdbx_audit_revision_category.category 
1  6 'Structure model' diffrn_source                 
2  6 'Structure model' pdbx_database_status          
3  6 'Structure model' pdbx_validate_polymer_linkage 
4  7 'Structure model' citation                      
5  7 'Structure model' citation_author               
6  7 'Structure model' struct_conn                   
7  8 'Structure model' atom_site                     
8  8 'Structure model' atom_site_anisotrop           
9  8 'Structure model' chem_comp_atom                
10 8 'Structure model' chem_comp_bond                
11 8 'Structure model' database_2                    
12 8 'Structure model' struct_conn                   
13 8 'Structure model' struct_site                   
14 9 'Structure model' chem_comp                     
15 9 'Structure model' chem_comp_atom                
16 9 'Structure model' chem_comp_bond                
17 9 'Structure model' entity                        
18 9 'Structure model' struct_conn                   
# 
loop_
_pdbx_audit_revision_item.ordinal 
_pdbx_audit_revision_item.revision_ordinal 
_pdbx_audit_revision_item.data_content_type 
_pdbx_audit_revision_item.item 
1  6 'Structure model' '_diffrn_source.source'                   
2  6 'Structure model' '_pdbx_database_status.process_site'      
3  7 'Structure model' '_citation.journal_id_ASTM'               
4  7 'Structure model' '_citation.journal_id_CSD'                
5  7 'Structure model' '_citation.journal_id_ISSN'               
6  7 'Structure model' '_citation.page_last'                     
7  7 'Structure model' '_citation.pdbx_database_id_PubMed'       
8  7 'Structure model' '_citation.title'                         
9  7 'Structure model' '_citation_author.name'                   
10 7 'Structure model' '_struct_conn.pdbx_leaving_atom_flag'     
11 8 'Structure model' '_atom_site.auth_atom_id'                 
12 8 'Structure model' '_atom_site.label_atom_id'                
13 8 'Structure model' '_atom_site_anisotrop.pdbx_auth_atom_id'  
14 8 'Structure model' '_atom_site_anisotrop.pdbx_label_atom_id' 
15 8 'Structure model' '_database_2.pdbx_DOI'                    
16 8 'Structure model' '_database_2.pdbx_database_accession'     
17 8 'Structure model' '_struct_conn.pdbx_dist_value'            
18 8 'Structure model' '_struct_conn.pdbx_leaving_atom_flag'     
19 8 'Structure model' '_struct_conn.ptnr1_label_atom_id'        
20 8 'Structure model' '_struct_conn.ptnr2_auth_comp_id'         
21 8 'Structure model' '_struct_conn.ptnr2_auth_seq_id'          
22 8 'Structure model' '_struct_conn.ptnr2_label_atom_id'        
23 8 'Structure model' '_struct_conn.ptnr2_label_comp_id'        
24 8 'Structure model' '_struct_conn.ptnr2_label_seq_id'         
25 8 'Structure model' '_struct_site.pdbx_auth_asym_id'          
26 8 'Structure model' '_struct_site.pdbx_auth_comp_id'          
27 8 'Structure model' '_struct_site.pdbx_auth_seq_id'           
28 9 'Structure model' '_chem_comp.formula'                      
29 9 'Structure model' '_chem_comp.formula_weight'               
30 9 'Structure model' '_entity.formula_weight'                  
31 9 'Structure model' '_struct_conn.pdbx_leaving_atom_flag'     
# 
_pdbx_database_status.status_code                     REL 
_pdbx_database_status.entry_id                        1A7Z 
_pdbx_database_status.recvd_initial_deposition_date   1998-03-19 
_pdbx_database_status.deposit_site                    ? 
_pdbx_database_status.process_site                    BNL 
_pdbx_database_status.status_code_sf                  REL 
_pdbx_database_status.status_code_mr                  ? 
_pdbx_database_status.SG_entry                        ? 
_pdbx_database_status.pdb_format_compatible           Y 
_pdbx_database_status.status_code_cs                  ? 
_pdbx_database_status.methods_development_category    ? 
_pdbx_database_status.status_code_nmr_data            ? 
# 
loop_
_pdbx_database_related.db_name 
_pdbx_database_related.db_id 
_pdbx_database_related.content_type 
_pdbx_database_related.details 
PDB 209D unspecified 'CRYSTAL STRUCTURE OF N8-ACTINOMYCIN D COMPLEXED WITH D(GAAGCTTC)2'                          
PDB 1UNM unspecified 'CRYSTAL STRUCTURE OF 7-AMINOACTINOMYCIN D COMPLEXED WITH NON-COMPLEMENTARY DNA'             
PDB 1I3W unspecified 'CRYSTAL STRUCTURE OF ACTINOMYCIN D COMPLEXED WITH DNA (CGATCGATCG)2'                        
PDB 1A7Y unspecified 'CRYSTAL STRUCTURE OF ACTINOMYCIN D'                                                         
PDB 1FJA unspecified 'SOLUTION STRUCTURE OF ACTINOMYCIN D COMPLEXED WITH DNA (AAGCGCTT)2'                         
PDB 173D unspecified 'CRYSTAL STRUCTURE OF ACTINOMYCIN D COMPLEXED WITH DNA (GAAGCTTC)2'                          
PDB 2D55 unspecified 'CRYSTAL STRUCTURE OF ACTINOMYCIN D COMPLEXED WITH DNA (GAAGCTTC)2'                          
PDB 1DSC unspecified 'SOLUTION STRUCTURE OF ACTINOMYCIN D COMPLEXED WITH DNA (GAAGCTTC)2'                         
PDB 1L1V unspecified 'SOLUTION STRUCTURE OF ACTNIOMYCIN D COMPLEXED WITH MISMATCHED DNA (GTCACCGAC)'              
PDB 316D unspecified 'CRYSTAL STRUCTURE OF F8-ACTINOMYCIN D COMPLEXED WITH DNA (GAAGCTTC)2'                       
PDB 1DSD unspecified 'SOLUTION STRUCTURE OF ACTINOMYCIN D COMPLEXED WITH DNA (GATGCTTC)2'                         
PDB 1MNV unspecified 'CRYSTAL STRUCTURE OF ACTINOMYCIN D COMPLEXED WITH DNA (ATGCTGCAT)2'                         
PDB 1UNJ unspecified 'CRYSTAL STRUCTURE OF 7-AMINO-ACTINOMYCIN D COMPLEXED WITH A NON-COMPLEMENTARY DNA (TTAGT)2' 
PDB 1OVF unspecified 'SOLUTIOM STRUCTURE OF ACTINOMYCIN D COMPLEXED WITH DNA (CCGTTTTGTGG)2'                      
PDB 1QFI unspecified 'CRYSTAL STRUCTURE OF ACTINOMYCIN X2'                                                        
# 
_audit_author.name           'Schafer, M.' 
_audit_author.pdbx_ordinal   1 
# 
_citation.id                        primary 
_citation.title                     'Crystal Structures of Actinomycin D and Actinomycin Z3.' 
_citation.journal_abbrev            Angew.Chem.Int.Ed.Engl. 
_citation.journal_volume            37 
_citation.page_first                2381 
_citation.page_last                 2384 
_citation.year                      1998 
_citation.journal_id_ASTM           ACIEAY 
_citation.country                   GE 
_citation.journal_id_ISSN           1521-3773 
_citation.journal_id_CSD            0179 
_citation.book_publisher            ? 
_citation.pdbx_database_id_PubMed   29710967 
_citation.pdbx_database_id_DOI      '10.1002/(SICI)1521-3773(19980918)37:17<2381::AID-ANIE2381>3.0.CO;2-L' 
# 
loop_
_citation_author.citation_id 
_citation_author.name 
_citation_author.ordinal 
_citation_author.identifier_ORCID 
primary 'Schafer, M.'     1 ? 
primary 'Sheldrick, G.M.' 2 ? 
primary 'Bahner, I.'      3 ? 
primary 'Lackner, H.'     4 ? 
# 
loop_
_entity.id 
_entity.type 
_entity.src_method 
_entity.pdbx_description 
_entity.formula_weight 
_entity.pdbx_number_of_molecules 
_entity.pdbx_ec 
_entity.pdbx_mutation 
_entity.pdbx_fragment 
_entity.details 
1 polymer     nat 'ACTINOMYCIN Z3' 1355.875 2  ? ? ? ? 
2 non-polymer syn BENZENE          78.112   20 ? ? ? ? 
3 water       nat water            18.015   1  ? ? ? ? 
# 
_entity_poly.entity_id                      1 
_entity_poly.type                           'polypeptide(L)' 
_entity_poly.nstd_linkage                   no 
_entity_poly.nstd_monomer                   yes 
_entity_poly.pdbx_seq_one_letter_code       '(CTH)(DVA)(POM)(SAR)(MAA)(PXZ)T(DVA)(H5M)(SAR)(MVA)' 
_entity_poly.pdbx_seq_one_letter_code_can   TVPGAXTVPGV 
_entity_poly.pdbx_strand_id                 A,B 
_entity_poly.pdbx_target_identifier         ? 
# 
loop_
_pdbx_entity_nonpoly.entity_id 
_pdbx_entity_nonpoly.name 
_pdbx_entity_nonpoly.comp_id 
2 BENZENE BNZ 
3 water   HOH 
# 
loop_
_entity_poly_seq.entity_id 
_entity_poly_seq.num 
_entity_poly_seq.mon_id 
_entity_poly_seq.hetero 
1 1  CTH n 
1 2  DVA n 
1 3  POM n 
1 4  SAR n 
1 5  MAA n 
1 6  PXZ n 
1 7  THR n 
1 8  DVA n 
1 9  H5M n 
1 10 SAR n 
1 11 MVA n 
# 
_entity_src_nat.entity_id                  1 
_entity_src_nat.pdbx_src_id                1 
_entity_src_nat.pdbx_alt_source_flag       sample 
_entity_src_nat.pdbx_beg_seq_num           ? 
_entity_src_nat.pdbx_end_seq_num           ? 
_entity_src_nat.common_name                ? 
_entity_src_nat.pdbx_organism_scientific   'STREPTOMYCES FRADIAE' 
_entity_src_nat.pdbx_ncbi_taxonomy_id      1906 
_entity_src_nat.genus                      ? 
_entity_src_nat.species                    ? 
_entity_src_nat.strain                     ? 
_entity_src_nat.tissue                     ? 
_entity_src_nat.tissue_fraction            ? 
_entity_src_nat.pdbx_secretion             ? 
_entity_src_nat.pdbx_fragment              ? 
_entity_src_nat.pdbx_variant               ? 
_entity_src_nat.pdbx_cell_line             ? 
_entity_src_nat.pdbx_atcc                  ? 
_entity_src_nat.pdbx_cellular_location     ? 
_entity_src_nat.pdbx_organ                 ? 
_entity_src_nat.pdbx_organelle             ? 
_entity_src_nat.pdbx_cell                  ? 
_entity_src_nat.pdbx_plasmid_name          ? 
_entity_src_nat.pdbx_plasmid_details       ? 
_entity_src_nat.details                    ? 
# 
loop_
_chem_comp.id 
_chem_comp.type 
_chem_comp.mon_nstd_flag 
_chem_comp.name 
_chem_comp.pdbx_synonyms 
_chem_comp.formula 
_chem_comp.formula_weight 
BNZ non-polymer         . BENZENE                                                         ?           'C6 H6'         78.112  
CTH 'L-peptide linking' n 4-CHLOROTHREONINE                                               ?           'C4 H8 Cl N O3' 153.564 
DVA 'D-peptide linking' . D-VALINE                                                        ?           'C5 H11 N O2'   117.146 
H5M 'L-peptide linking' n TRANS-3-HYDROXY-5-METHYLPROLINE                                 ?           'C6 H11 N O3'   145.156 
HOH non-polymer         . WATER                                                           ?           'H2 O'          18.015  
MAA 'L-peptide linking' n N-methyl-L-alanine                                              ?           'C4 H9 N O2'    103.120 
MVA 'L-peptide linking' n N-METHYLVALINE                                                  ?           'C6 H13 N O2'   131.173 
POM 'L-peptide linking' n CIS-5-METHYL-4-OXOPROLINE                                       ?           'C6 H9 N O3'    143.141 
PXZ non-polymer         . 2-AMINO-1,9-DICARBONYL-4,6-DIMETHYL-10-DEHYDRO-PHENOXAZIN-3-ONE PHENOXAZINE 'C16 H12 N2 O6' 328.276 
SAR 'peptide linking'   n SARCOSINE                                                       ?           'C3 H7 N O2'    89.093  
THR 'L-peptide linking' y THREONINE                                                       ?           'C4 H9 N O3'    119.119 
# 
loop_
_pdbx_poly_seq_scheme.asym_id 
_pdbx_poly_seq_scheme.entity_id 
_pdbx_poly_seq_scheme.seq_id 
_pdbx_poly_seq_scheme.mon_id 
_pdbx_poly_seq_scheme.ndb_seq_num 
_pdbx_poly_seq_scheme.pdb_seq_num 
_pdbx_poly_seq_scheme.auth_seq_num 
_pdbx_poly_seq_scheme.pdb_mon_id 
_pdbx_poly_seq_scheme.auth_mon_id 
_pdbx_poly_seq_scheme.pdb_strand_id 
_pdbx_poly_seq_scheme.pdb_ins_code 
_pdbx_poly_seq_scheme.hetero 
A 1 1  CTH 1  1  1  CTH CTH A . n 
A 1 2  DVA 2  2  2  DVA DVA A . n 
A 1 3  POM 3  3  3  POM POM A . n 
A 1 4  SAR 4  4  4  SAR SAR A . n 
A 1 5  MAA 5  5  5  MAA MAA A . n 
A 1 6  PXZ 6  6  6  PXZ PXZ A . n 
A 1 7  THR 7  7  7  THR THR A . n 
A 1 8  DVA 8  8  8  DVA DVA A . n 
A 1 9  H5M 9  9  9  H5M H5M A . n 
A 1 10 SAR 10 10 10 SAR SAR A . n 
A 1 11 MVA 11 11 11 MVA MVA A . n 
B 1 1  CTH 1  1  1  CTH CTH B . n 
B 1 2  DVA 2  2  2  DVA DVA B . n 
B 1 3  POM 3  3  3  POM POM B . n 
B 1 4  SAR 4  4  4  SAR SAR B . n 
B 1 5  MAA 5  5  5  MAA MAA B . n 
B 1 6  PXZ 6  6  6  PXZ PXZ B . n 
B 1 7  THR 7  7  7  THR THR B . n 
B 1 8  DVA 8  8  8  DVA DVA B . n 
B 1 9  H5M 9  9  9  H5M H5M B . n 
B 1 10 SAR 10 10 10 SAR SAR B . n 
B 1 11 MVA 11 11 11 MVA MVA B . n 
# 
loop_
_pdbx_nonpoly_scheme.asym_id 
_pdbx_nonpoly_scheme.entity_id 
_pdbx_nonpoly_scheme.mon_id 
_pdbx_nonpoly_scheme.ndb_seq_num 
_pdbx_nonpoly_scheme.pdb_seq_num 
_pdbx_nonpoly_scheme.auth_seq_num 
_pdbx_nonpoly_scheme.pdb_mon_id 
_pdbx_nonpoly_scheme.auth_mon_id 
_pdbx_nonpoly_scheme.pdb_strand_id 
_pdbx_nonpoly_scheme.pdb_ins_code 
C 2 BNZ 1 101  101  BNZ BNZ A . 
D 2 BNZ 1 109  109  BNZ BNZ A . 
E 2 BNZ 1 110  110  BNZ BNZ A . 
F 2 BNZ 1 115  115  BNZ BNZ A . 
G 2 BNZ 1 116  116  BNZ BNZ A . 
H 2 BNZ 1 118  118  BNZ BNZ A . 
I 2 BNZ 1 119  119  BNZ BNZ A . 
J 2 BNZ 1 120  120  BNZ BNZ A . 
K 2 BNZ 1 102  102  BNZ BNZ B . 
L 2 BNZ 1 103  103  BNZ BNZ B . 
M 2 BNZ 1 104  104  BNZ BNZ B . 
N 2 BNZ 1 105  105  BNZ BNZ B . 
O 2 BNZ 1 106  106  BNZ BNZ B . 
P 2 BNZ 1 107  107  BNZ BNZ B . 
Q 2 BNZ 1 108  108  BNZ BNZ B . 
R 2 BNZ 1 111  111  BNZ BNZ B . 
S 2 BNZ 1 112  112  BNZ BNZ B . 
T 2 BNZ 1 113  113  BNZ BNZ B . 
U 2 BNZ 1 114  114  BNZ BNZ B . 
V 2 BNZ 1 117  117  BNZ BNZ B . 
W 3 HOH 1 2001 2001 HOH HOH A . 
# 
loop_
_software.name 
_software.classification 
_software.version 
_software.citation_id 
_software.pdbx_ordinal 
SHELXL-97 'model building' . ? 1 
SHELXL-97 refinement       . ? 2 
SAINT     'data reduction' . ? 3 
SADABS    'data scaling'   . ? 4 
SHELXL-97 phasing          . ? 5 
# 
_cell.entry_id           1A7Z 
_cell.length_a           14.803 
_cell.length_b           24.780 
_cell.length_c           65.059 
_cell.angle_alpha        90.00 
_cell.angle_beta         90.00 
_cell.angle_gamma        90.00 
_cell.Z_PDB              8 
_cell.pdbx_unique_axis   ? 
# 
_symmetry.entry_id                         1A7Z 
_symmetry.space_group_name_H-M             'P 21 21 21' 
_symmetry.pdbx_full_space_group_name_H-M   ? 
_symmetry.cell_setting                     ? 
_symmetry.Int_Tables_number                19 
# 
_exptl.entry_id          1A7Z 
_exptl.method            'X-RAY DIFFRACTION' 
_exptl.crystals_number   1 
# 
_exptl_crystal.id                    1 
_exptl_crystal.density_meas          ? 
_exptl_crystal.density_Matthews      2.40 
_exptl_crystal.density_percent_sol   49.00 
_exptl_crystal.description           ? 
# 
_exptl_crystal_grow.crystal_id      1 
_exptl_crystal_grow.method          ? 
_exptl_crystal_grow.temp            ? 
_exptl_crystal_grow.temp_details    ? 
_exptl_crystal_grow.pH              7 
_exptl_crystal_grow.pdbx_pH_range   ? 
_exptl_crystal_grow.pdbx_details    'PH 7' 
# 
_diffrn.id                     1 
_diffrn.ambient_temp           173 
_diffrn.ambient_temp_details   ? 
_diffrn.crystal_id             1 
# 
_diffrn_detector.diffrn_id              1 
_diffrn_detector.detector               'AREA DETECTOR' 
_diffrn_detector.type                   'SIEMENS HI-STAR' 
_diffrn_detector.pdbx_collection_date   1997-09-22 
_diffrn_detector.details                COLLIMATOR 
# 
_diffrn_radiation.diffrn_id                        1 
_diffrn_radiation.wavelength_id                    1 
_diffrn_radiation.pdbx_monochromatic_or_laue_m_l   M 
_diffrn_radiation.monochromator                    'GRAPHITE(002)' 
_diffrn_radiation.pdbx_diffrn_protocol             ? 
_diffrn_radiation.pdbx_scattering_type             x-ray 
# 
_diffrn_radiation_wavelength.id           1 
_diffrn_radiation_wavelength.wavelength   1.5418 
_diffrn_radiation_wavelength.wt           1.0 
# 
_diffrn_source.diffrn_id                   1 
_diffrn_source.source                      'ROTATING ANODE' 
_diffrn_source.type                        SIEMENS 
_diffrn_source.pdbx_synchrotron_site       ? 
_diffrn_source.pdbx_synchrotron_beamline   ? 
_diffrn_source.pdbx_wavelength             1.5418 
_diffrn_source.pdbx_wavelength_list        ? 
# 
_reflns.pdbx_diffrn_id               1 
_reflns.pdbx_ordinal                 1 
_reflns.entry_id                     1A7Z 
_reflns.observed_criterion_sigma_I   ? 
_reflns.observed_criterion_sigma_F   ? 
_reflns.d_resolution_low             32.450 
_reflns.d_resolution_high            0.950 
_reflns.number_obs                   15653 
_reflns.number_all                   ? 
_reflns.percent_possible_obs         99.5 
_reflns.pdbx_Rmerge_I_obs            0.06000 
_reflns.pdbx_Rsym_value              ? 
_reflns.pdbx_netI_over_sigmaI        8.1700 
_reflns.B_iso_Wilson_estimate        ? 
_reflns.pdbx_redundancy              7.060 
# 
_reflns_shell.pdbx_diffrn_id         1 
_reflns_shell.pdbx_ordinal           1 
_reflns_shell.d_res_high             0.95 
_reflns_shell.d_res_low              1.05 
_reflns_shell.percent_possible_all   98.1 
_reflns_shell.Rmerge_I_obs           0.35000 
_reflns_shell.pdbx_Rsym_value        ? 
_reflns_shell.meanI_over_sigI_obs    4.930 
_reflns_shell.pdbx_redundancy        4.85 
# 
_refine.pdbx_refine_id                           'X-RAY DIFFRACTION' 
_refine.entry_id                                 1A7Z 
_refine.pdbx_diffrn_id                           1 
_refine.pdbx_TLS_residual_ADP_flag               ? 
_refine.ls_number_reflns_obs                     ? 
_refine.ls_number_reflns_all                     15653 
_refine.pdbx_ls_sigma_I                          ? 
_refine.pdbx_ls_sigma_F                          0.000 
_refine.pdbx_data_cutoff_high_absF               ? 
_refine.pdbx_data_cutoff_low_absF                ? 
_refine.pdbx_data_cutoff_high_rms_absF           ? 
_refine.ls_d_res_low                             32.45 
_refine.ls_d_res_high                            0.95 
_refine.ls_percent_reflns_obs                    99.4 
_refine.ls_R_factor_obs                          0.080 
_refine.ls_R_factor_all                          0.081 
_refine.ls_R_factor_R_work                       ? 
_refine.ls_R_factor_R_free                       0.097 
_refine.ls_R_factor_R_free_error                 ? 
_refine.ls_R_factor_R_free_error_details         ? 
_refine.ls_percent_reflns_R_free                 10.000 
_refine.ls_number_reflns_R_free                  1568 
_refine.ls_number_parameters                     3024 
_refine.ls_number_restraints                     5470 
_refine.occupancy_min                            ? 
_refine.occupancy_max                            ? 
_refine.correlation_coeff_Fo_to_Fc               ? 
_refine.correlation_coeff_Fo_to_Fc_free          ? 
_refine.B_iso_mean                               ? 
_refine.aniso_B[1][1]                            ? 
_refine.aniso_B[2][2]                            ? 
_refine.aniso_B[3][3]                            ? 
_refine.aniso_B[1][2]                            ? 
_refine.aniso_B[1][3]                            ? 
_refine.aniso_B[2][3]                            ? 
_refine.solvent_model_details                    ? 
_refine.solvent_model_param_ksol                 ? 
_refine.solvent_model_param_bsol                 ? 
_refine.pdbx_solvent_vdw_probe_radii             ? 
_refine.pdbx_solvent_ion_probe_radii             ? 
_refine.pdbx_solvent_shrinkage_radii             ? 
_refine.pdbx_ls_cross_valid_method               'FREE R' 
_refine.details                                  'ANISOTROPIC REFINEMENT REDUCED FREE R (NO CUTOFF) BY 0.026' 
_refine.pdbx_starting_model                      ? 
_refine.pdbx_method_to_determine_struct          'AB INITIO' 
_refine.pdbx_isotropic_thermal_model             ? 
_refine.pdbx_stereochemistry_target_values       'ENGH AND HUBER' 
_refine.pdbx_stereochem_target_val_spec_case     'NO RESTRAINTS ON DISTANCES AND ANGLES' 
_refine.pdbx_R_Free_selection_details            RANDOM 
_refine.pdbx_overall_ESU_R                       ? 
_refine.pdbx_overall_ESU_R_Free                  ? 
_refine.overall_SU_ML                            ? 
_refine.pdbx_overall_phase_error                 ? 
_refine.overall_SU_B                             ? 
_refine.overall_SU_R_Cruickshank_DPI             ? 
_refine.pdbx_overall_SU_R_free_Cruickshank_DPI   ? 
_refine.pdbx_overall_SU_R_Blow_DPI               ? 
_refine.pdbx_overall_SU_R_free_Blow_DPI          ? 
# 
_refine_analyze.pdbx_refine_id                  'X-RAY DIFFRACTION' 
_refine_analyze.entry_id                        1A7Z 
_refine_analyze.Luzzati_coordinate_error_obs    ? 
_refine_analyze.Luzzati_sigma_a_obs             ? 
_refine_analyze.Luzzati_d_res_low_obs           ? 
_refine_analyze.Luzzati_coordinate_error_free   ? 
_refine_analyze.Luzzati_sigma_a_free            ? 
_refine_analyze.Luzzati_d_res_low_free          ? 
_refine_analyze.number_disordered_residues      5 
_refine_analyze.occupancy_sum_hydrogen          286.00 
_refine_analyze.occupancy_sum_non_hydrogen      307.00 
# 
_refine_hist.pdbx_refine_id                   'X-RAY DIFFRACTION' 
_refine_hist.cycle_id                         LAST 
_refine_hist.pdbx_number_atoms_protein        186 
_refine_hist.pdbx_number_atoms_nucleic_acid   0 
_refine_hist.pdbx_number_atoms_ligand         120 
_refine_hist.number_atoms_solvent             1 
_refine_hist.number_atoms_total               307 
_refine_hist.d_res_high                       0.95 
_refine_hist.d_res_low                        32.45 
# 
loop_
_refine_ls_restr.type 
_refine_ls_restr.dev_ideal 
_refine_ls_restr.dev_ideal_target 
_refine_ls_restr.weight 
_refine_ls_restr.number 
_refine_ls_restr.pdbx_refine_id 
_refine_ls_restr.pdbx_restraint_function 
s_bond_d               0.012 ? ? ? 'X-RAY DIFFRACTION' ? 
s_angle_d              0.000 ? ? ? 'X-RAY DIFFRACTION' ? 
s_similar_dist         0.000 ? ? ? 'X-RAY DIFFRACTION' ? 
s_from_restr_planes    0.016 ? ? ? 'X-RAY DIFFRACTION' ? 
s_zero_chiral_vol      0.000 ? ? ? 'X-RAY DIFFRACTION' ? 
s_non_zero_chiral_vol  0.000 ? ? ? 'X-RAY DIFFRACTION' ? 
s_anti_bump_dis_restr  0.000 ? ? ? 'X-RAY DIFFRACTION' ? 
s_rigid_bond_adp_cmpnt 0.005 ? ? ? 'X-RAY DIFFRACTION' ? 
s_similar_adp_cmpnt    0.024 ? ? ? 'X-RAY DIFFRACTION' ? 
s_approx_iso_adps      0.032 ? ? ? 'X-RAY DIFFRACTION' ? 
# 
_pdbx_refine.pdbx_refine_id                              'X-RAY DIFFRACTION' 
_pdbx_refine.entry_id                                    1A7Z 
_pdbx_refine.R_factor_all_no_cutoff                      0.081 
_pdbx_refine.R_factor_obs_no_cutoff                      0.080 
_pdbx_refine.free_R_factor_no_cutoff                     0.097 
_pdbx_refine.free_R_error_no_cutoff                      ? 
_pdbx_refine.free_R_val_test_set_size_perc_no_cutoff     10.000 
_pdbx_refine.free_R_val_test_set_ct_no_cutoff            1568 
_pdbx_refine.R_factor_all_4sig_cutoff                    0.067 
_pdbx_refine.R_factor_obs_4sig_cutoff                    0.067 
_pdbx_refine.free_R_factor_4sig_cutoff                   0.082 
_pdbx_refine.free_R_val_test_set_size_perc_4sig_cutoff   10.100 
_pdbx_refine.free_R_val_test_set_ct_4sig_cutoff          1340 
_pdbx_refine.number_reflns_obs_4sig_cutoff               13243 
# 
_struct.entry_id                  1A7Z 
_struct.title                     'CRYSTAL STRUCTURE OF ACTINOMYCIN Z3' 
_struct.pdbx_model_details        ? 
_struct.pdbx_CASP_flag            ? 
_struct.pdbx_model_type_details   ? 
# 
_struct_keywords.entry_id        1A7Z 
_struct_keywords.pdbx_keywords   ANTIBIOTIC 
_struct_keywords.text            'ACTINOMYCIN D, ACTINOMYCIN, ANTICANCER, ANTITUMOR, CHROMOPHORE, DEPSIPEPTIDE, ANTIBIOTIC' 
# 
loop_
_struct_asym.id 
_struct_asym.pdbx_blank_PDB_chainid_flag 
_struct_asym.pdbx_modified 
_struct_asym.entity_id 
_struct_asym.details 
A N N 1 ? 
B N N 1 ? 
C N N 2 ? 
D N N 2 ? 
E N N 2 ? 
F N N 2 ? 
G N N 2 ? 
H N N 2 ? 
I N N 2 ? 
J N N 2 ? 
K N N 2 ? 
L N N 2 ? 
M N N 2 ? 
N N N 2 ? 
O N N 2 ? 
P N N 2 ? 
Q N N 2 ? 
R N N 2 ? 
S N N 2 ? 
T N N 2 ? 
U N N 2 ? 
V N N 2 ? 
W N N 3 ? 
# 
_struct_ref.id                         1 
_struct_ref.db_name                    NOR 
_struct_ref.db_code                    NOR00237 
_struct_ref.entity_id                  1 
_struct_ref.pdbx_seq_one_letter_code   ? 
_struct_ref.pdbx_align_begin           ? 
_struct_ref.pdbx_db_accession          NOR00237 
_struct_ref.pdbx_db_isoform            ? 
# 
loop_
_struct_ref_seq.align_id 
_struct_ref_seq.ref_id 
_struct_ref_seq.pdbx_PDB_id_code 
_struct_ref_seq.pdbx_strand_id 
_struct_ref_seq.seq_align_beg 
_struct_ref_seq.pdbx_seq_align_beg_ins_code 
_struct_ref_seq.seq_align_end 
_struct_ref_seq.pdbx_seq_align_end_ins_code 
_struct_ref_seq.pdbx_db_accession 
_struct_ref_seq.db_align_beg 
_struct_ref_seq.pdbx_db_align_beg_ins_code 
_struct_ref_seq.db_align_end 
_struct_ref_seq.pdbx_db_align_end_ins_code 
_struct_ref_seq.pdbx_auth_seq_align_beg 
_struct_ref_seq.pdbx_auth_seq_align_end 
1 1 1A7Z A 1 ? 11 ? NOR00237 1 ? 11 ? 1 11 
2 1 1A7Z B 1 ? 11 ? NOR00237 1 ? 11 ? 1 11 
# 
loop_
_pdbx_struct_assembly.id 
_pdbx_struct_assembly.details 
_pdbx_struct_assembly.method_details 
_pdbx_struct_assembly.oligomeric_details 
_pdbx_struct_assembly.oligomeric_count 
1 author_defined_assembly ? monomeric 1 
2 author_defined_assembly ? monomeric 1 
# 
loop_
_pdbx_struct_assembly_gen.assembly_id 
_pdbx_struct_assembly_gen.oper_expression 
_pdbx_struct_assembly_gen.asym_id_list 
1 1 A,C,D,E,F,G,H,I,J,W       
2 1 B,K,L,M,N,O,P,Q,R,S,T,U,V 
# 
_pdbx_struct_oper_list.id                   1 
_pdbx_struct_oper_list.type                 'identity operation' 
_pdbx_struct_oper_list.name                 1_555 
_pdbx_struct_oper_list.symmetry_operation   x,y,z 
_pdbx_struct_oper_list.matrix[1][1]         1.0000000000 
_pdbx_struct_oper_list.matrix[1][2]         0.0000000000 
_pdbx_struct_oper_list.matrix[1][3]         0.0000000000 
_pdbx_struct_oper_list.vector[1]            0.0000000000 
_pdbx_struct_oper_list.matrix[2][1]         0.0000000000 
_pdbx_struct_oper_list.matrix[2][2]         1.0000000000 
_pdbx_struct_oper_list.matrix[2][3]         0.0000000000 
_pdbx_struct_oper_list.vector[2]            0.0000000000 
_pdbx_struct_oper_list.matrix[3][1]         0.0000000000 
_pdbx_struct_oper_list.matrix[3][2]         0.0000000000 
_pdbx_struct_oper_list.matrix[3][3]         1.0000000000 
_pdbx_struct_oper_list.vector[3]            0.0000000000 
# 
_struct_biol.id   1 
# 
loop_
_struct_conn.id 
_struct_conn.conn_type_id 
_struct_conn.pdbx_leaving_atom_flag 
_struct_conn.pdbx_PDB_id 
_struct_conn.ptnr1_label_asym_id 
_struct_conn.ptnr1_label_comp_id 
_struct_conn.ptnr1_label_seq_id 
_struct_conn.ptnr1_label_atom_id 
_struct_conn.pdbx_ptnr1_label_alt_id 
_struct_conn.pdbx_ptnr1_PDB_ins_code 
_struct_conn.pdbx_ptnr1_standard_comp_id 
_struct_conn.ptnr1_symmetry 
_struct_conn.ptnr2_label_asym_id 
_struct_conn.ptnr2_label_comp_id 
_struct_conn.ptnr2_label_seq_id 
_struct_conn.ptnr2_label_atom_id 
_struct_conn.pdbx_ptnr2_label_alt_id 
_struct_conn.pdbx_ptnr2_PDB_ins_code 
_struct_conn.ptnr1_auth_asym_id 
_struct_conn.ptnr1_auth_comp_id 
_struct_conn.ptnr1_auth_seq_id 
_struct_conn.ptnr2_auth_asym_id 
_struct_conn.ptnr2_auth_comp_id 
_struct_conn.ptnr2_auth_seq_id 
_struct_conn.ptnr2_symmetry 
_struct_conn.pdbx_ptnr3_label_atom_id 
_struct_conn.pdbx_ptnr3_label_seq_id 
_struct_conn.pdbx_ptnr3_label_comp_id 
_struct_conn.pdbx_ptnr3_label_asym_id 
_struct_conn.pdbx_ptnr3_label_alt_id 
_struct_conn.pdbx_ptnr3_PDB_ins_code 
_struct_conn.details 
_struct_conn.pdbx_dist_value 
_struct_conn.pdbx_value_order 
_struct_conn.pdbx_role 
covale1  covale both ? A CTH 1  C     ? ? ? 1_555 A DVA 2  N  ? ? A CTH 1  A DVA 2  1_555 ? ? ? ? ? ? ? 1.357 ? ? 
covale2  covale one  ? A CTH 1  OG1   ? ? ? 1_555 A MAA 5  C  ? ? A CTH 1  A MAA 5  1_555 ? ? ? ? ? ? ? 1.375 ? ? 
covale3  covale both ? A CTH 1  N     ? ? ? 1_555 A PXZ 6  C0 ? ? A CTH 1  A PXZ 6  1_555 ? ? ? ? ? ? ? 1.349 ? ? 
covale4  covale both ? A DVA 2  C     ? ? ? 1_555 A POM 3  N  ? ? A DVA 2  A POM 3  1_555 ? ? ? ? ? ? ? 1.374 ? ? 
covale5  covale both ? A POM 3  C     ? ? ? 1_555 A SAR 4  N  ? ? A POM 3  A SAR 4  1_555 ? ? ? ? ? ? ? 1.348 ? ? 
covale6  covale both ? A SAR 4  C     ? ? ? 1_555 A MAA 5  N  ? ? A SAR 4  A MAA 5  1_555 ? ? ? ? ? ? ? 1.369 ? ? 
covale7  covale both ? A PXZ 6  "C0'" ? ? ? 1_555 A THR 7  N  ? ? A PXZ 6  A THR 7  1_555 ? ? ? ? ? ? ? 1.339 ? ? 
covale8  covale both ? A THR 7  C     ? ? ? 1_555 A DVA 8  N  ? ? A THR 7  A DVA 8  1_555 ? ? ? ? ? ? ? 1.342 ? ? 
covale9  covale one  ? A THR 7  OG1   ? ? ? 1_555 A MVA 11 C  ? ? A THR 7  A MVA 11 1_555 ? ? ? ? ? ? ? 1.348 ? ? 
covale10 covale both ? A DVA 8  C     ? ? ? 1_555 A H5M 9  N  ? ? A DVA 8  A H5M 9  1_555 ? ? ? ? ? ? ? 1.372 ? ? 
covale11 covale both ? A H5M 9  C     ? ? ? 1_555 A SAR 10 N  ? ? A H5M 9  A SAR 10 1_555 ? ? ? ? ? ? ? 1.348 ? ? 
covale12 covale both ? A SAR 10 C     ? ? ? 1_555 A MVA 11 N  ? ? A SAR 10 A MVA 11 1_555 ? ? ? ? ? ? ? 1.343 ? ? 
covale13 covale both ? B CTH 1  C     ? ? ? 1_555 B DVA 2  N  ? ? B CTH 1  B DVA 2  1_555 ? ? ? ? ? ? ? 1.348 ? ? 
covale14 covale one  ? B CTH 1  OG1   ? ? ? 1_555 B MAA 5  C  ? ? B CTH 1  B MAA 5  1_555 ? ? ? ? ? ? ? 1.368 ? ? 
covale15 covale both ? B CTH 1  N     ? ? ? 1_555 B PXZ 6  C0 ? ? B CTH 1  B PXZ 6  1_555 ? ? ? ? ? ? ? 1.342 ? ? 
covale16 covale both ? B DVA 2  C     ? ? ? 1_555 B POM 3  N  ? ? B DVA 2  B POM 3  1_555 ? ? ? ? ? ? ? 1.348 ? ? 
covale17 covale both ? B POM 3  C     ? ? ? 1_555 B SAR 4  N  ? ? B POM 3  B SAR 4  1_555 ? ? ? ? ? ? ? 1.363 ? ? 
covale18 covale both ? B SAR 4  C     ? ? ? 1_555 B MAA 5  N  ? ? B SAR 4  B MAA 5  1_555 ? ? ? ? ? ? ? 1.373 ? ? 
covale19 covale both ? B PXZ 6  "C0'" ? ? ? 1_555 B THR 7  N  ? ? B PXZ 6  B THR 7  1_555 ? ? ? ? ? ? ? 1.351 ? ? 
covale20 covale both ? B THR 7  C     ? ? ? 1_555 B DVA 8  N  ? ? B THR 7  B DVA 8  1_555 ? ? ? ? ? ? ? 1.321 ? ? 
covale21 covale one  ? B THR 7  OG1   ? ? ? 1_555 B MVA 11 C  ? ? B THR 7  B MVA 11 1_555 ? ? ? ? ? ? ? 1.361 ? ? 
covale22 covale both ? B DVA 8  C     ? ? ? 1_555 B H5M 9  N  ? ? B DVA 8  B H5M 9  1_555 ? ? ? ? ? ? ? 1.340 ? ? 
covale23 covale both ? B H5M 9  C     ? ? ? 1_555 B SAR 10 N  ? ? B H5M 9  B SAR 10 1_555 ? ? ? ? ? ? ? 1.336 ? ? 
covale24 covale both ? B SAR 10 C     ? ? ? 1_555 B MVA 11 N  ? ? B SAR 10 B MVA 11 1_555 ? ? ? ? ? ? ? 1.363 ? ? 
# 
_struct_conn_type.id          covale 
_struct_conn_type.criteria    ? 
_struct_conn_type.reference   ? 
# 
loop_
_struct_mon_prot_cis.pdbx_id 
_struct_mon_prot_cis.label_comp_id 
_struct_mon_prot_cis.label_seq_id 
_struct_mon_prot_cis.label_asym_id 
_struct_mon_prot_cis.label_alt_id 
_struct_mon_prot_cis.pdbx_PDB_ins_code 
_struct_mon_prot_cis.auth_comp_id 
_struct_mon_prot_cis.auth_seq_id 
_struct_mon_prot_cis.auth_asym_id 
_struct_mon_prot_cis.pdbx_label_comp_id_2 
_struct_mon_prot_cis.pdbx_label_seq_id_2 
_struct_mon_prot_cis.pdbx_label_asym_id_2 
_struct_mon_prot_cis.pdbx_PDB_ins_code_2 
_struct_mon_prot_cis.pdbx_auth_comp_id_2 
_struct_mon_prot_cis.pdbx_auth_seq_id_2 
_struct_mon_prot_cis.pdbx_auth_asym_id_2 
_struct_mon_prot_cis.pdbx_PDB_model_num 
_struct_mon_prot_cis.pdbx_omega_angle 
1 DVA 2 A . ? DVA 2 A POM 3  A ? POM 3  A 1 21.50  
2 POM 3 A . ? POM 3 A SAR 4  A ? SAR 4  A 1 -17.30 
3 DVA 8 A . ? DVA 8 A H5M 9  A ? H5M 9  A 1 24.13  
4 H5M 9 A . ? H5M 9 A SAR 10 A ? SAR 10 A 1 -12.45 
5 DVA 2 B . ? DVA 2 B POM 3  B ? POM 3  B 1 20.03  
6 POM 3 B . ? POM 3 B SAR 4  B ? SAR 4  B 1 -18.19 
7 DVA 8 B . ? DVA 8 B H5M 9  B ? H5M 9  B 1 25.97  
8 H5M 9 B . ? H5M 9 B SAR 10 B ? SAR 10 B 1 -14.68 
# 
loop_
_struct_site.id 
_struct_site.pdbx_evidence_code 
_struct_site.pdbx_auth_asym_id 
_struct_site.pdbx_auth_comp_id 
_struct_site.pdbx_auth_seq_id 
_struct_site.pdbx_auth_ins_code 
_struct_site.pdbx_num_residues 
_struct_site.details 
AC1 Software A BNZ 101 ? 5  'BINDING SITE FOR RESIDUE BNZ A 101'         
AC2 Software A BNZ 109 ? 6  'BINDING SITE FOR RESIDUE BNZ A 109'         
AC3 Software A BNZ 110 ? 4  'BINDING SITE FOR RESIDUE BNZ A 110'         
AC4 Software A BNZ 115 ? 1  'BINDING SITE FOR RESIDUE BNZ A 115'         
AC5 Software A BNZ 116 ? 7  'BINDING SITE FOR RESIDUE BNZ A 116'         
AC6 Software A BNZ 118 ? 7  'BINDING SITE FOR RESIDUE BNZ A 118'         
AC7 Software A BNZ 119 ? 9  'BINDING SITE FOR RESIDUE BNZ A 119'         
AC8 Software A BNZ 120 ? 1  'BINDING SITE FOR RESIDUE BNZ A 120'         
AC9 Software B BNZ 102 ? 4  'BINDING SITE FOR RESIDUE BNZ B 102'         
BC1 Software B BNZ 103 ? 5  'BINDING SITE FOR RESIDUE BNZ B 103'         
BC2 Software B BNZ 104 ? 4  'BINDING SITE FOR RESIDUE BNZ B 104'         
BC3 Software B BNZ 105 ? 4  'BINDING SITE FOR RESIDUE BNZ B 105'         
BC4 Software B BNZ 106 ? 4  'BINDING SITE FOR RESIDUE BNZ B 106'         
BC5 Software B BNZ 107 ? 1  'BINDING SITE FOR RESIDUE BNZ B 107'         
BC6 Software B BNZ 108 ? 3  'BINDING SITE FOR RESIDUE BNZ B 108'         
BC7 Software B BNZ 111 ? 1  'BINDING SITE FOR RESIDUE BNZ B 111'         
BC8 Software B BNZ 112 ? 3  'BINDING SITE FOR RESIDUE BNZ B 112'         
BC9 Software B BNZ 113 ? 3  'BINDING SITE FOR RESIDUE BNZ B 113'         
CC1 Software B BNZ 114 ? 2  'BINDING SITE FOR RESIDUE BNZ B 114'         
CC2 Software B BNZ 117 ? 8  'BINDING SITE FOR RESIDUE BNZ B 117'         
CC3 Software ? ?   ?   ? 20 'BINDING SITE FOR CHAIN A OF ACTINOMYCIN Z3' 
CC4 Software ? ?   ?   ? 16 'BINDING SITE FOR CHAIN B OF ACTINOMYCIN Z3' 
# 
loop_
_struct_site_gen.id 
_struct_site_gen.site_id 
_struct_site_gen.pdbx_num_res 
_struct_site_gen.label_comp_id 
_struct_site_gen.label_asym_id 
_struct_site_gen.label_seq_id 
_struct_site_gen.pdbx_auth_ins_code 
_struct_site_gen.auth_comp_id 
_struct_site_gen.auth_asym_id 
_struct_site_gen.auth_seq_id 
_struct_site_gen.label_atom_id 
_struct_site_gen.label_alt_id 
_struct_site_gen.symmetry 
_struct_site_gen.details 
1   AC1 5  CTH A 1  ? CTH A 1    . ? 1_555 ? 
2   AC1 5  PXZ A 6  ? PXZ A 6    . ? 1_555 ? 
3   AC1 5  DVA A 8  ? DVA A 8    . ? 3_545 ? 
4   AC1 5  H5M A 9  ? H5M A 9    . ? 3_545 ? 
5   AC1 5  BNZ K .  ? BNZ B 102  . ? 1_555 ? 
6   AC2 6  MAA A 5  ? MAA A 5    . ? 1_555 ? 
7   AC2 6  BNZ H .  ? BNZ A 118  . ? 1_555 ? 
8   AC2 6  BNZ I .  ? BNZ A 119  . ? 1_555 ? 
9   AC2 6  CTH B 1  ? CTH B 1    . ? 1_555 ? 
10  AC2 6  PXZ B 6  ? PXZ B 6    . ? 1_555 ? 
11  AC2 6  BNZ V .  ? BNZ B 117  . ? 1_455 ? 
12  AC3 4  CTH A 1  ? CTH A 1    . ? 1_555 ? 
13  AC3 4  BNZ G .  ? BNZ A 116  . ? 3_655 ? 
14  AC3 4  BNZ H .  ? BNZ A 118  . ? 1_655 ? 
15  AC3 4  BNZ Q .  ? BNZ B 108  . ? 4_565 ? 
16  AC4 1  BNZ V .  ? BNZ B 117  . ? 3_645 ? 
17  AC5 7  SAR A 4  ? SAR A 4    . ? 3_545 ? 
18  AC5 7  BNZ E .  ? BNZ A 110  . ? 3_645 ? 
19  AC5 7  BNZ H .  ? BNZ A 118  . ? 3_545 ? 
20  AC5 7  BNZ I .  ? BNZ A 119  . ? 3_545 ? 
21  AC5 7  CTH B 1  ? CTH B 1    . ? 3_645 ? 
22  AC5 7  MAA B 5  ? MAA B 5    . ? 3_645 ? 
23  AC5 7  BNZ V .  ? BNZ B 117  . ? 3_745 ? 
24  AC6 7  DVA A 2  ? DVA A 2    . ? 1_555 ? 
25  AC6 7  MAA A 5  ? MAA A 5    . ? 1_555 ? 
26  AC6 7  BNZ D .  ? BNZ A 109  . ? 1_555 ? 
27  AC6 7  BNZ E .  ? BNZ A 110  . ? 1_455 ? 
28  AC6 7  BNZ G .  ? BNZ A 116  . ? 3_555 ? 
29  AC6 7  BNZ I .  ? BNZ A 119  . ? 1_555 ? 
30  AC6 7  BNZ V .  ? BNZ B 117  . ? 1_455 ? 
31  AC7 9  BNZ D .  ? BNZ A 109  . ? 1_555 ? 
32  AC7 9  BNZ G .  ? BNZ A 116  . ? 3_555 ? 
33  AC7 9  BNZ H .  ? BNZ A 118  . ? 1_555 ? 
34  AC7 9  MAA B 5  ? MAA B 5    . ? 1_455 ? 
35  AC7 9  PXZ B 6  ? PXZ B 6    . ? 1_555 ? 
36  AC7 9  H5M B 9  ? H5M B 9    . ? 1_455 ? 
37  AC7 9  SAR B 10 ? SAR B 10   . ? 4_465 ? 
38  AC7 9  MVA B 11 ? MVA B 11   . ? 4_465 ? 
39  AC7 9  BNZ S .  ? BNZ B 112  . ? 1_455 ? 
40  AC8 1  SAR B 4  ? SAR B 4    . ? 3_655 ? 
41  AC9 4  MAA A 5  ? MAA A 5    . ? 1_555 ? 
42  AC9 4  DVA A 8  ? DVA A 8    . ? 3_545 ? 
43  AC9 4  H5M A 9  ? H5M A 9    . ? 3_545 ? 
44  AC9 4  BNZ C .  ? BNZ A 101  . ? 1_555 ? 
45  BC1 5  POM A 3  ? POM A 3    . ? 3_545 ? 
46  BC1 5  PXZ A 6  ? PXZ A 6    . ? 3_645 ? 
47  BC1 5  THR A 7  ? THR A 7    . ? 3_645 ? 
48  BC1 5  H5M A 9  ? H5M A 9    . ? 3_645 ? 
49  BC1 5  BNZ T .  ? BNZ B 113  . ? 1_555 ? 
50  BC2 4  PXZ B 6  ? PXZ B 6    . ? 4_565 ? 
51  BC2 4  THR B 7  ? THR B 7    . ? 4_565 ? 
52  BC2 4  H5M B 9  ? H5M B 9    . ? 4_565 ? 
53  BC2 4  MVA B 11 ? MVA B 11   . ? 4_565 ? 
54  BC3 4  MVA A 11 ? MVA A 11   . ? 3_545 ? 
55  BC3 4  POM B 3  ? POM B 3    . ? 4_455 ? 
56  BC3 4  POM B 3  ? POM B 3    . ? 1_555 ? 
57  BC3 4  MVA B 11 ? MVA B 11   . ? 4_455 ? 
58  BC4 4  SAR A 10 ? SAR A 10   . ? 3_645 ? 
59  BC4 4  CTH B 1  ? CTH B 1    . ? 1_655 ? 
60  BC4 4  MAA B 5  ? MAA B 5    . ? 1_655 ? 
61  BC4 4  PXZ B 6  ? PXZ B 6    . ? 1_655 ? 
62  BC5 1  POM B 3  ? POM B 3    . ? 1_555 ? 
63  BC6 3  POM A 3  ? POM A 3    . ? 2_464 ? 
64  BC6 3  THR A 7  ? THR A 7    . ? 2_464 ? 
65  BC6 3  BNZ E .  ? BNZ A 110  . ? 4_465 ? 
66  BC7 1  POM B 3  ? POM B 3    . ? 1_555 ? 
67  BC8 3  BNZ I .  ? BNZ A 119  . ? 1_655 ? 
68  BC8 3  H5M B 9  ? H5M B 9    . ? 4_465 ? 
69  BC8 3  BNZ V .  ? BNZ B 117  . ? 1_455 ? 
70  BC9 3  MVA A 11 ? MVA A 11   . ? 3_545 ? 
71  BC9 3  SAR B 4  ? SAR B 4    . ? 1_555 ? 
72  BC9 3  BNZ L .  ? BNZ B 103  . ? 1_555 ? 
73  CC1 2  SAR A 4  ? SAR A 4    . ? 1_655 ? 
74  CC1 2  PXZ A 6  ? PXZ A 6    . ? 1_555 ? 
75  CC2 8  MAA A 5  ? MAA A 5    . ? 1_655 ? 
76  CC2 8  PXZ A 6  ? PXZ A 6    . ? 3_655 ? 
77  CC2 8  BNZ D .  ? BNZ A 109  . ? 1_655 ? 
78  CC2 8  BNZ F .  ? BNZ A 115  . ? 3_655 ? 
79  CC2 8  BNZ G .  ? BNZ A 116  . ? 3_755 ? 
80  CC2 8  BNZ H .  ? BNZ A 118  . ? 1_655 ? 
81  CC2 8  CTH B 1  ? CTH B 1    . ? 1_655 ? 
82  CC2 8  BNZ S .  ? BNZ B 112  . ? 1_655 ? 
83  CC3 20 BNZ C .  ? BNZ A 101  . ? 1_555 ? 
84  CC3 20 BNZ C .  ? BNZ A 101  . ? 3_555 ? 
85  CC3 20 BNZ D .  ? BNZ A 109  . ? 1_555 ? 
86  CC3 20 BNZ E .  ? BNZ A 110  . ? 1_555 ? 
87  CC3 20 BNZ G .  ? BNZ A 116  . ? 3_555 ? 
88  CC3 20 BNZ H .  ? BNZ A 118  . ? 1_555 ? 
89  CC3 20 HOH W .  ? HOH A 2001 . ? 1_555 ? 
90  CC3 20 SAR B 4  ? SAR B 4    . ? 3_555 ? 
91  CC3 20 BNZ K .  ? BNZ B 102  . ? 1_555 ? 
92  CC3 20 BNZ K .  ? BNZ B 102  . ? 3_555 ? 
93  CC3 20 BNZ L .  ? BNZ B 103  . ? 3_555 ? 
94  CC3 20 BNZ L .  ? BNZ B 103  . ? 3_655 ? 
95  CC3 20 BNZ N .  ? BNZ B 105  . ? 3_555 ? 
96  CC3 20 BNZ O .  ? BNZ B 106  . ? 3_655 ? 
97  CC3 20 BNZ Q .  ? BNZ B 108  . ? 2_465 ? 
98  CC3 20 BNZ T .  ? BNZ B 113  . ? 3_555 ? 
99  CC3 20 BNZ U .  ? BNZ B 114  . ? 1_555 ? 
100 CC3 20 BNZ U .  ? BNZ B 114  . ? 1_455 ? 
101 CC3 20 BNZ V .  ? BNZ B 117  . ? 3_645 ? 
102 CC3 20 BNZ V .  ? BNZ B 117  . ? 1_455 ? 
103 CC4 16 MVA A 11 ? MVA A 11   . ? 3_545 ? 
104 CC4 16 BNZ D .  ? BNZ A 109  . ? 1_555 ? 
105 CC4 16 BNZ G .  ? BNZ A 116  . ? 3_655 ? 
106 CC4 16 BNZ I .  ? BNZ A 119  . ? 4_565 ? 
107 CC4 16 BNZ I .  ? BNZ A 119  . ? 1_555 ? 
108 CC4 16 BNZ I .  ? BNZ A 119  . ? 1_655 ? 
109 CC4 16 BNZ J .  ? BNZ A 120  . ? 3_645 ? 
110 CC4 16 BNZ M .  ? BNZ B 104  . ? 4_465 ? 
111 CC4 16 BNZ N .  ? BNZ B 105  . ? 4_555 ? 
112 CC4 16 BNZ N .  ? BNZ B 105  . ? 1_555 ? 
113 CC4 16 BNZ O .  ? BNZ B 106  . ? 1_455 ? 
114 CC4 16 BNZ P .  ? BNZ B 107  . ? 1_555 ? 
115 CC4 16 BNZ R .  ? BNZ B 111  . ? 1_555 ? 
116 CC4 16 BNZ S .  ? BNZ B 112  . ? 4_565 ? 
117 CC4 16 BNZ T .  ? BNZ B 113  . ? 1_555 ? 
118 CC4 16 BNZ V .  ? BNZ B 117  . ? 1_455 ? 
# 
_pdbx_molecule_features.prd_id    PRD_000009 
_pdbx_molecule_features.name      'Actinomycin Z3' 
_pdbx_molecule_features.type      Polypeptide 
_pdbx_molecule_features.class     Antibiotic 
_pdbx_molecule_features.details   
;ACTINOMYCIN Z3 CONSISTS OF TWO PENTAMER               
  RINGS LINKED BY THE CHROMOPHORE (PXZ)
;
# 
loop_
_pdbx_molecule.instance_id 
_pdbx_molecule.prd_id 
_pdbx_molecule.asym_id 
1 PRD_000009 A 
2 PRD_000009 B 
# 
_pdbx_entry_details.entry_id                 1A7Z 
_pdbx_entry_details.compound_details         
;ACTINOMYCIN Z3 IS A BICYCLIC PEPTIDE, A MEMBER OF THE                
 ACTINOMYCIN FAMILY.                                                  
 HERE, ACTINOMYCIN D IS REPRESENTED BY THE SEQUENCE (SEQRES)
;
_pdbx_entry_details.source_details           ? 
_pdbx_entry_details.nonpolymer_details       ? 
_pdbx_entry_details.sequence_details         ? 
_pdbx_entry_details.has_ligand_of_interest   ? 
# 
loop_
_chem_comp_atom.comp_id 
_chem_comp_atom.atom_id 
_chem_comp_atom.type_symbol 
_chem_comp_atom.pdbx_aromatic_flag 
_chem_comp_atom.pdbx_stereo_config 
_chem_comp_atom.pdbx_ordinal 
BNZ C1     C  Y N 1   
BNZ C2     C  Y N 2   
BNZ C3     C  Y N 3   
BNZ C4     C  Y N 4   
BNZ C5     C  Y N 5   
BNZ C6     C  Y N 6   
BNZ H1     H  N N 7   
BNZ H2     H  N N 8   
BNZ H3     H  N N 9   
BNZ H4     H  N N 10  
BNZ H5     H  N N 11  
BNZ H6     H  N N 12  
CTH N      N  N N 13  
CTH CA     C  N S 14  
CTH C      C  N N 15  
CTH O      O  N N 16  
CTH OXT    O  N N 17  
CTH CB     C  N S 18  
CTH CG2    C  N N 19  
CTH CL2    CL N N 20  
CTH OG1    O  N N 21  
CTH H      H  N N 22  
CTH H2     H  N N 23  
CTH HA     H  N N 24  
CTH HXT    H  N N 25  
CTH HB     H  N N 26  
CTH HG22   H  N N 27  
CTH HG23   H  N N 28  
CTH HG1    H  N N 29  
DVA N      N  N N 30  
DVA CA     C  N R 31  
DVA CB     C  N N 32  
DVA CG1    C  N N 33  
DVA CG2    C  N N 34  
DVA C      C  N N 35  
DVA O      O  N N 36  
DVA OXT    O  N N 37  
DVA H      H  N N 38  
DVA H2     H  N N 39  
DVA HA     H  N N 40  
DVA HB     H  N N 41  
DVA HG11   H  N N 42  
DVA HG12   H  N N 43  
DVA HG13   H  N N 44  
DVA HG21   H  N N 45  
DVA HG22   H  N N 46  
DVA HG23   H  N N 47  
DVA HXT    H  N N 48  
H5M N      N  N N 49  
H5M CA     C  N S 50  
H5M C      C  N N 51  
H5M O      O  N N 52  
H5M OXT    O  N N 53  
H5M CB     C  N S 54  
H5M CG     C  N N 55  
H5M CD     C  N S 56  
H5M OB     O  N N 57  
H5M CD1    C  N N 58  
H5M H      H  N N 59  
H5M HA     H  N N 60  
H5M HXT    H  N N 61  
H5M HB     H  N N 62  
H5M HG2    H  N N 63  
H5M HG3    H  N N 64  
H5M HD     H  N N 65  
H5M HOB    H  N N 66  
H5M HD11   H  N N 67  
H5M HD12   H  N N 68  
H5M HD13   H  N N 69  
HOH O      O  N N 70  
HOH H1     H  N N 71  
HOH H2     H  N N 72  
MAA N      N  N N 73  
MAA CM     C  N N 74  
MAA CA     C  N S 75  
MAA CB     C  N N 76  
MAA C      C  N N 77  
MAA O      O  N N 78  
MAA OXT    O  N N 79  
MAA H      H  N N 80  
MAA HM1    H  N N 81  
MAA HM2    H  N N 82  
MAA HM3    H  N N 83  
MAA HA     H  N N 84  
MAA HB1    H  N N 85  
MAA HB2    H  N N 86  
MAA HB3    H  N N 87  
MAA HXT    H  N N 88  
MVA N      N  N N 89  
MVA CN     C  N N 90  
MVA CA     C  N S 91  
MVA CB     C  N N 92  
MVA CG1    C  N N 93  
MVA CG2    C  N N 94  
MVA C      C  N N 95  
MVA O      O  N N 96  
MVA OXT    O  N N 97  
MVA H      H  N N 98  
MVA HN1    H  N N 99  
MVA HN2    H  N N 100 
MVA HN3    H  N N 101 
MVA HA     H  N N 102 
MVA HB     H  N N 103 
MVA HG11   H  N N 104 
MVA HG12   H  N N 105 
MVA HG13   H  N N 106 
MVA HG21   H  N N 107 
MVA HG22   H  N N 108 
MVA HG23   H  N N 109 
MVA HXT    H  N N 110 
POM N      N  N N 111 
POM CA     C  N S 112 
POM C      C  N N 113 
POM O      O  N N 114 
POM OXT    O  N N 115 
POM CB     C  N N 116 
POM CG     C  N N 117 
POM CD     C  N S 118 
POM OG     O  N N 119 
POM CD1    C  N N 120 
POM H      H  N N 121 
POM HA     H  N N 122 
POM HXT    H  N N 123 
POM HB2    H  N N 124 
POM HB3    H  N N 125 
POM HD     H  N N 126 
POM HD11   H  N N 127 
POM HD12   H  N N 128 
POM HD13   H  N N 129 
PXZ C1     C  N N 130 
PXZ C0     C  N N 131 
PXZ O1     O  N N 132 
PXZ C2     C  N N 133 
PXZ N2     N  N N 134 
PXZ C3     C  N N 135 
PXZ O3     O  N N 136 
PXZ C4     C  N N 137 
PXZ O5     O  N N 138 
PXZ C6     C  Y N 139 
PXZ C7     C  Y N 140 
PXZ C8     C  Y N 141 
PXZ C9     C  Y N 142 
PXZ "C0'"  C  N N 143 
PXZ "O1'"  O  N N 144 
PXZ N10    N  N N 145 
PXZ C11    C  N N 146 
PXZ C12    C  N N 147 
PXZ C13    C  Y N 148 
PXZ C14    C  Y N 149 
PXZ C15    C  N N 150 
PXZ C16    C  N N 151 
PXZ HN21   H  N N 152 
PXZ HN22   H  N N 153 
PXZ H7     H  N N 154 
PXZ H8     H  N N 155 
PXZ H151   H  N N 156 
PXZ H152   H  N N 157 
PXZ H153   H  N N 158 
PXZ H161   H  N N 159 
PXZ H162   H  N N 160 
PXZ H163   H  N N 161 
PXZ "OXT'" O  N N 162 
PXZ OXT    O  N N 163 
PXZ "HXT'" H  N N 164 
PXZ HXT    H  N N 165 
SAR N      N  N N 166 
SAR CA     C  N N 167 
SAR C      C  N N 168 
SAR O      O  N N 169 
SAR CN     C  N N 170 
SAR OXT    O  N N 171 
SAR H      H  N N 172 
SAR HA2    H  N N 173 
SAR HA3    H  N N 174 
SAR HN1    H  N N 175 
SAR HN2    H  N N 176 
SAR HN3    H  N N 177 
SAR HXT    H  N N 178 
THR N      N  N N 179 
THR CA     C  N S 180 
THR C      C  N N 181 
THR O      O  N N 182 
THR CB     C  N R 183 
THR OG1    O  N N 184 
THR CG2    C  N N 185 
THR OXT    O  N N 186 
THR H      H  N N 187 
THR H2     H  N N 188 
THR HA     H  N N 189 
THR HB     H  N N 190 
THR HG1    H  N N 191 
THR HG21   H  N N 192 
THR HG22   H  N N 193 
THR HG23   H  N N 194 
THR HXT    H  N N 195 
# 
loop_
_chem_comp_bond.comp_id 
_chem_comp_bond.atom_id_1 
_chem_comp_bond.atom_id_2 
_chem_comp_bond.value_order 
_chem_comp_bond.pdbx_aromatic_flag 
_chem_comp_bond.pdbx_stereo_config 
_chem_comp_bond.pdbx_ordinal 
BNZ C1     C2     doub Y N 1   
BNZ C1     C6     sing Y N 2   
BNZ C1     H1     sing N N 3   
BNZ C2     C3     sing Y N 4   
BNZ C2     H2     sing N N 5   
BNZ C3     C4     doub Y N 6   
BNZ C3     H3     sing N N 7   
BNZ C4     C5     sing Y N 8   
BNZ C4     H4     sing N N 9   
BNZ C5     C6     doub Y N 10  
BNZ C5     H5     sing N N 11  
BNZ C6     H6     sing N N 12  
CTH N      CA     sing N N 13  
CTH N      H      sing N N 14  
CTH N      H2     sing N N 15  
CTH CA     C      sing N N 16  
CTH CA     CB     sing N N 17  
CTH CA     HA     sing N N 18  
CTH C      O      doub N N 19  
CTH C      OXT    sing N N 20  
CTH OXT    HXT    sing N N 21  
CTH CB     CG2    sing N N 22  
CTH CB     OG1    sing N N 23  
CTH CB     HB     sing N N 24  
CTH CG2    CL2    sing N N 25  
CTH CG2    HG22   sing N N 26  
CTH CG2    HG23   sing N N 27  
CTH OG1    HG1    sing N N 28  
DVA N      CA     sing N N 29  
DVA N      H      sing N N 30  
DVA N      H2     sing N N 31  
DVA CA     CB     sing N N 32  
DVA CA     C      sing N N 33  
DVA CA     HA     sing N N 34  
DVA CB     CG1    sing N N 35  
DVA CB     CG2    sing N N 36  
DVA CB     HB     sing N N 37  
DVA CG1    HG11   sing N N 38  
DVA CG1    HG12   sing N N 39  
DVA CG1    HG13   sing N N 40  
DVA CG2    HG21   sing N N 41  
DVA CG2    HG22   sing N N 42  
DVA CG2    HG23   sing N N 43  
DVA C      O      doub N N 44  
DVA C      OXT    sing N N 45  
DVA OXT    HXT    sing N N 46  
H5M N      CA     sing N N 47  
H5M N      CD     sing N N 48  
H5M N      H      sing N N 49  
H5M CA     C      sing N N 50  
H5M CA     CB     sing N N 51  
H5M CA     HA     sing N N 52  
H5M C      O      doub N N 53  
H5M C      OXT    sing N N 54  
H5M OXT    HXT    sing N N 55  
H5M CB     CG     sing N N 56  
H5M CB     OB     sing N N 57  
H5M CB     HB     sing N N 58  
H5M CG     CD     sing N N 59  
H5M CG     HG2    sing N N 60  
H5M CG     HG3    sing N N 61  
H5M CD     CD1    sing N N 62  
H5M CD     HD     sing N N 63  
H5M OB     HOB    sing N N 64  
H5M CD1    HD11   sing N N 65  
H5M CD1    HD12   sing N N 66  
H5M CD1    HD13   sing N N 67  
HOH O      H1     sing N N 68  
HOH O      H2     sing N N 69  
MAA N      CM     sing N N 70  
MAA N      CA     sing N N 71  
MAA N      H      sing N N 72  
MAA CM     HM1    sing N N 73  
MAA CM     HM2    sing N N 74  
MAA CM     HM3    sing N N 75  
MAA CA     CB     sing N N 76  
MAA CA     C      sing N N 77  
MAA CA     HA     sing N N 78  
MAA CB     HB1    sing N N 79  
MAA CB     HB2    sing N N 80  
MAA CB     HB3    sing N N 81  
MAA C      O      doub N N 82  
MAA C      OXT    sing N N 83  
MAA OXT    HXT    sing N N 84  
MVA N      CN     sing N N 85  
MVA N      CA     sing N N 86  
MVA N      H      sing N N 87  
MVA CN     HN1    sing N N 88  
MVA CN     HN2    sing N N 89  
MVA CN     HN3    sing N N 90  
MVA CA     CB     sing N N 91  
MVA CA     C      sing N N 92  
MVA CA     HA     sing N N 93  
MVA CB     CG1    sing N N 94  
MVA CB     CG2    sing N N 95  
MVA CB     HB     sing N N 96  
MVA CG1    HG11   sing N N 97  
MVA CG1    HG12   sing N N 98  
MVA CG1    HG13   sing N N 99  
MVA CG2    HG21   sing N N 100 
MVA CG2    HG22   sing N N 101 
MVA CG2    HG23   sing N N 102 
MVA C      O      doub N N 103 
MVA C      OXT    sing N N 104 
MVA OXT    HXT    sing N N 105 
POM N      CA     sing N N 106 
POM N      CD     sing N N 107 
POM N      H      sing N N 108 
POM CA     C      sing N N 109 
POM CA     CB     sing N N 110 
POM CA     HA     sing N N 111 
POM C      O      doub N N 112 
POM C      OXT    sing N N 113 
POM OXT    HXT    sing N N 114 
POM CB     CG     sing N N 115 
POM CB     HB2    sing N N 116 
POM CB     HB3    sing N N 117 
POM CG     CD     sing N N 118 
POM CG     OG     doub N N 119 
POM CD     CD1    sing N N 120 
POM CD     HD     sing N N 121 
POM CD1    HD11   sing N N 122 
POM CD1    HD12   sing N N 123 
POM CD1    HD13   sing N N 124 
PXZ C1     C0     sing N N 125 
PXZ C1     C2     doub N N 126 
PXZ C1     C11    sing N N 127 
PXZ C0     O1     doub N N 128 
PXZ C2     N2     sing N N 129 
PXZ C2     C3     sing N N 130 
PXZ N2     HN21   sing N N 131 
PXZ N2     HN22   sing N N 132 
PXZ C3     O3     doub N N 133 
PXZ C3     C4     sing N N 134 
PXZ C4     C12    doub N N 135 
PXZ C4     C15    sing N N 136 
PXZ O5     C12    sing N N 137 
PXZ O5     C13    sing N N 138 
PXZ C6     C7     doub Y N 139 
PXZ C6     C13    sing Y N 140 
PXZ C6     C16    sing N N 141 
PXZ C7     C8     sing Y N 142 
PXZ C7     H7     sing N N 143 
PXZ C8     C9     doub Y N 144 
PXZ C8     H8     sing N N 145 
PXZ C9     "C0'"  sing N N 146 
PXZ C9     C14    sing Y N 147 
PXZ "C0'"  "O1'"  doub N N 148 
PXZ N10    C11    doub N N 149 
PXZ N10    C14    sing N N 150 
PXZ C11    C12    sing N N 151 
PXZ C13    C14    doub Y N 152 
PXZ C15    H151   sing N N 153 
PXZ C15    H152   sing N N 154 
PXZ C15    H153   sing N N 155 
PXZ C16    H161   sing N N 156 
PXZ C16    H162   sing N N 157 
PXZ C16    H163   sing N N 158 
PXZ "C0'"  "OXT'" sing N N 159 
PXZ C0     OXT    sing N N 160 
PXZ "OXT'" "HXT'" sing N N 161 
PXZ OXT    HXT    sing N N 162 
SAR N      CA     sing N N 163 
SAR N      CN     sing N N 164 
SAR N      H      sing N N 165 
SAR CA     C      sing N N 166 
SAR CA     HA2    sing N N 167 
SAR CA     HA3    sing N N 168 
SAR C      O      doub N N 169 
SAR C      OXT    sing N N 170 
SAR CN     HN1    sing N N 171 
SAR CN     HN2    sing N N 172 
SAR CN     HN3    sing N N 173 
SAR OXT    HXT    sing N N 174 
THR N      CA     sing N N 175 
THR N      H      sing N N 176 
THR N      H2     sing N N 177 
THR CA     C      sing N N 178 
THR CA     CB     sing N N 179 
THR CA     HA     sing N N 180 
THR C      O      doub N N 181 
THR C      OXT    sing N N 182 
THR CB     OG1    sing N N 183 
THR CB     CG2    sing N N 184 
THR CB     HB     sing N N 185 
THR OG1    HG1    sing N N 186 
THR CG2    HG21   sing N N 187 
THR CG2    HG22   sing N N 188 
THR CG2    HG23   sing N N 189 
THR OXT    HXT    sing N N 190 
# 
_atom_sites.entry_id                    1A7Z 
_atom_sites.fract_transf_matrix[1][1]   0.02786317 
_atom_sites.fract_transf_matrix[1][2]   -0.03215971 
_atom_sites.fract_transf_matrix[1][3]   0.05246847 
_atom_sites.fract_transf_matrix[2][1]   -0.03671685 
_atom_sites.fract_transf_matrix[2][2]   -0.00697390 
_atom_sites.fract_transf_matrix[2][3]   0.01522379 
_atom_sites.fract_transf_matrix[3][1]   -0.00069737 
_atom_sites.fract_transf_matrix[3][2]   -0.01325389 
_atom_sites.fract_transf_matrix[3][3]   -0.00775343 
_atom_sites.fract_transf_vector[1]      0.058113 
_atom_sites.fract_transf_vector[2]      0.595319 
_atom_sites.fract_transf_vector[3]      0.154837 
# 
loop_
_atom_type.symbol 
C  
CL 
N  
O  
# 
loop_
_atom_site.group_PDB 
_atom_site.id 
_atom_site.type_symbol 
_atom_site.label_atom_id 
_atom_site.label_alt_id 
_atom_site.label_comp_id 
_atom_site.label_asym_id 
_atom_site.label_entity_id 
_atom_site.label_seq_id 
_atom_site.pdbx_PDB_ins_code 
_atom_site.Cartn_x 
_atom_site.Cartn_y 
_atom_site.Cartn_z 
_atom_site.occupancy 
_atom_site.B_iso_or_equiv 
_atom_site.pdbx_formal_charge 
_atom_site.auth_seq_id 
_atom_site.auth_comp_id 
_atom_site.auth_asym_id 
_atom_site.auth_atom_id 
_atom_site.pdbx_PDB_model_num 
HETATM 1   N  N     . CTH A 1 1  ? -1.725 -5.817  -3.366  1.00 2.82  ? 1    CTH A N     1 
HETATM 2   C  CA    . CTH A 1 1  ? -3.091 -5.289  -3.372  1.00 3.04  ? 1    CTH A CA    1 
HETATM 3   C  C     . CTH A 1 1  ? -3.450 -4.849  -4.807  1.00 2.71  ? 1    CTH A C     1 
HETATM 4   O  O     . CTH A 1 1  ? -2.588 -4.524  -5.629  1.00 3.33  ? 1    CTH A O     1 
HETATM 5   C  CB    . CTH A 1 1  ? -3.255 -4.017  -2.508  1.00 3.16  ? 1    CTH A CB    1 
HETATM 6   C  CG2   . CTH A 1 1  ? -2.888 -4.211  -1.045  1.00 4.94  ? 1    CTH A CG2   1 
HETATM 7   CL CL2   . CTH A 1 1  ? -4.147 -5.026  -0.143  1.00 7.39  ? 1    CTH A CL2   1 
HETATM 8   O  OG1   . CTH A 1 1  ? -2.434 -2.967  -3.072  1.00 3.26  ? 1    CTH A OG1   1 
HETATM 9   N  N     . DVA A 1 2  ? -4.783 -4.791  -5.059  1.00 3.19  ? 2    DVA A N     1 
HETATM 10  C  CA    . DVA A 1 2  ? -5.281 -3.977  -6.188  1.00 3.28  ? 2    DVA A CA    1 
HETATM 11  C  CB    . DVA A 1 2  ? -6.739 -3.551  -5.962  1.00 4.60  ? 2    DVA A CB    1 
HETATM 12  C  CG1   . DVA A 1 2  ? -6.789 -2.488  -4.865  1.00 6.38  ? 2    DVA A CG1   1 
HETATM 13  C  CG2   . DVA A 1 2  ? -7.723 -4.604  -5.729  1.00 6.68  ? 2    DVA A CG2   1 
HETATM 14  C  C     . DVA A 1 2  ? -5.143 -4.755  -7.518  1.00 3.29  ? 2    DVA A C     1 
HETATM 15  O  O     . DVA A 1 2  ? -5.656 -5.859  -7.713  1.00 3.82  ? 2    DVA A O     1 
HETATM 16  N  N     . POM A 1 3  ? -4.461 -4.119  -8.526  1.00 3.46  ? 3    POM A N     1 
HETATM 17  C  CA    . POM A 1 3  ? -3.492 -3.011  -8.342  1.00 3.35  ? 3    POM A CA    1 
HETATM 18  C  C     . POM A 1 3  ? -4.173 -1.635  -8.332  1.00 3.25  ? 3    POM A C     1 
HETATM 19  O  O     . POM A 1 3  ? -5.332 -1.500  -8.782  1.00 3.93  ? 3    POM A O     1 
HETATM 20  C  CB    . POM A 1 3  ? -2.506 -3.155  -9.482  1.00 4.06  ? 3    POM A CB    1 
HETATM 21  C  CG    . POM A 1 3  ? -3.143 -4.097  -10.460 1.00 4.93  ? 3    POM A CG    1 
HETATM 22  C  CD    . POM A 1 3  ? -4.452 -4.694  -9.883  1.00 4.23  ? 3    POM A CD    1 
HETATM 23  O  OG    . POM A 1 3  ? -2.713 -4.368  -11.576 1.00 8.00  ? 3    POM A OG    1 
HETATM 24  C  CD1   . POM A 1 3  ? -5.697 -4.320  -10.681 1.00 5.76  ? 3    POM A CD1   1 
HETATM 25  N  N     . SAR A 1 4  ? -3.446 -0.579  -7.915  1.00 3.86  ? 4    SAR A N     1 
HETATM 26  C  CA    . SAR A 1 4  ? -2.219 -0.734  -7.151  1.00 3.91  ? 4    SAR A CA    1 
HETATM 27  C  C     . SAR A 1 4  ? -2.557 -0.910  -5.642  1.00 3.72  ? 4    SAR A C     1 
HETATM 28  O  O     . SAR A 1 4  ? -3.720 -1.106  -5.277  1.00 4.02  ? 4    SAR A O     1 
HETATM 29  C  CN    . SAR A 1 4  ? -4.089 0.739   -7.911  1.00 5.59  ? 4    SAR A CN    1 
HETATM 30  N  N     . MAA A 1 5  ? -1.526 -0.839  -4.744  1.00 3.69  ? 5    MAA A N     1 
HETATM 31  C  CM    . MAA A 1 5  ? -0.138 -0.588  -5.126  1.00 4.96  ? 5    MAA A CM    1 
HETATM 32  C  CA    . MAA A 1 5  ? -1.893 -0.651  -3.338  1.00 3.99  ? 5    MAA A CA    1 
HETATM 33  C  CB    . MAA A 1 5  ? -2.436 0.774   -3.088  1.00 5.09  ? 5    MAA A CB    1 
HETATM 34  C  C     . MAA A 1 5  ? -2.869 -1.690  -2.808  1.00 3.49  ? 5    MAA A C     1 
HETATM 35  O  O     . MAA A 1 5  ? -3.838 -1.442  -2.130  1.00 4.53  ? 5    MAA A O     1 
HETATM 36  C  C1    . PXZ A 1 6  ? 0.066  -7.172  -2.383  1.00 2.80  ? 6    PXZ A C1    1 
HETATM 37  C  C0    . PXZ A 1 6  ? -1.378 -6.778  -2.484  1.00 3.06  ? 6    PXZ A C0    1 
HETATM 38  O  O1    . PXZ A 1 6  ? -2.200 -7.213  -1.652  1.00 3.80  ? 6    PXZ A O1    1 
HETATM 39  C  C2    . PXZ A 1 6  ? 0.576  -7.523  -1.144  1.00 2.99  ? 6    PXZ A C2    1 
HETATM 40  N  N2    . PXZ A 1 6  ? -0.130 -7.624  -0.005  1.00 3.59  ? 6    PXZ A N2    1 
HETATM 41  C  C3    . PXZ A 1 6  ? 2.041  -7.769  -0.963  1.00 3.33  ? 6    PXZ A C3    1 
HETATM 42  O  O3    . PXZ A 1 6  ? 2.457  -7.968  0.188   1.00 4.61  ? 6    PXZ A O3    1 
HETATM 43  C  C4    . PXZ A 1 6  ? 2.915  -7.741  -2.090  1.00 3.27  ? 6    PXZ A C4    1 
HETATM 44  O  O5    . PXZ A 1 6  ? 3.228  -7.323  -4.347  1.00 3.64  ? 6    PXZ A O5    1 
HETATM 45  C  C6    . PXZ A 1 6  ? 3.702  -7.000  -6.638  1.00 4.63  ? 6    PXZ A C6    1 
HETATM 46  C  C7    . PXZ A 1 6  ? 3.203  -6.765  -7.931  1.00 5.37  ? 6    PXZ A C7    1 
HETATM 47  C  C8    . PXZ A 1 6  ? 1.826  -6.635  -8.169  1.00 4.45  ? 6    PXZ A C8    1 
HETATM 48  C  C9    . PXZ A 1 6  ? 0.891  -6.672  -7.125  1.00 3.37  ? 6    PXZ A C9    1 
HETATM 49  C  "C0'" . PXZ A 1 6  ? -0.553 -6.593  -7.477  1.00 3.01  ? 6    PXZ A "C0'" 1 
HETATM 50  O  "O1'" . PXZ A 1 6  ? -0.947 -5.744  -8.302  1.00 3.64  ? 6    PXZ A "O1'" 1 
HETATM 51  N  N10   . PXZ A 1 6  ? 0.480  -6.875  -4.745  1.00 2.78  ? 6    PXZ A N10   1 
HETATM 52  C  C11   . PXZ A 1 6  ? 0.944  -7.132  -3.524  1.00 2.57  ? 6    PXZ A C11   1 
HETATM 53  C  C12   . PXZ A 1 6  ? 2.386  -7.410  -3.294  1.00 2.83  ? 6    PXZ A C12   1 
HETATM 54  C  C13   . PXZ A 1 6  ? 2.751  -7.061  -5.622  1.00 3.46  ? 6    PXZ A C13   1 
HETATM 55  C  C14   . PXZ A 1 6  ? 1.369  -6.889  -5.816  1.00 2.89  ? 6    PXZ A C14   1 
HETATM 56  C  C15   . PXZ A 1 6  ? 4.382  -8.042  -1.919  1.00 4.51  ? 6    PXZ A C15   1 
HETATM 57  C  C16   . PXZ A 1 6  ? 5.164  -7.159  -6.326  1.00 6.42  ? 6    PXZ A C16   1 
ATOM   58  N  N     . THR A 1 7  ? -1.357 -7.535  -6.968  1.00 3.39  ? 7    THR A N     1 
ATOM   59  C  CA    . THR A 1 7  ? -2.798 -7.562  -7.241  1.00 3.09  ? 7    THR A CA    1 
ATOM   60  C  C     . THR A 1 7  ? -3.498 -8.174  -6.015  1.00 3.43  ? 7    THR A C     1 
ATOM   61  O  O     . THR A 1 7  ? -2.870 -8.871  -5.188  1.00 4.14  ? 7    THR A O     1 
ATOM   62  C  CB    . THR A 1 7  ? -3.174 -8.362  -8.443  1.00 3.38  ? 7    THR A CB    1 
ATOM   63  O  OG1   . THR A 1 7  ? -3.024 -9.784  -8.128  1.00 3.93  ? 7    THR A OG1   1 
ATOM   64  C  CG2   . THR A 1 7  ? -2.351 -8.094  -9.730  1.00 4.05  ? 7    THR A CG2   1 
HETATM 65  N  N     . DVA A 1 8  ? -4.824 -7.978  -5.955  1.00 3.69  ? 8    DVA A N     1 
HETATM 66  C  CA    . DVA A 1 8  ? -5.702 -8.705  -5.037  1.00 3.55  ? 8    DVA A CA    1 
HETATM 67  C  CB    . DVA A 1 8  ? -7.161 -8.535  -5.488  1.00 3.47  ? 8    DVA A CB    1 
HETATM 68  C  CG1   . DVA A 1 8  ? -7.375 -9.010  -6.957  1.00 4.49  ? 8    DVA A CG1   1 
HETATM 69  C  CG2   . DVA A 1 8  ? -8.066 -9.338  -4.554  1.00 3.97  ? 8    DVA A CG2   1 
HETATM 70  C  C     . DVA A 1 8  ? -5.538 -8.179  -3.611  1.00 3.52  ? 8    DVA A C     1 
HETATM 71  O  O     . DVA A 1 8  ? -5.816 -7.005  -3.339  1.00 3.53  ? 8    DVA A O     1 
HETATM 72  N  N     . H5M A 1 9  ? -5.193 -9.073  -2.630  1.00 4.28  ? 9    H5M A N     1 
HETATM 73  C  CA    . H5M A 1 9  ? -4.484 -10.349 -2.891  1.00 4.78  ? 9    H5M A CA    1 
HETATM 74  C  C     . H5M A 1 9  ? -5.431 -11.538 -3.058  1.00 5.14  ? 9    H5M A C     1 
HETATM 75  O  O     . H5M A 1 9  ? -6.501 -11.557 -2.446  1.00 6.44  ? 9    H5M A O     1 
HETATM 76  C  CB    . H5M A 1 9  ? -3.631 -10.561 -1.616  1.00 5.63  ? 9    H5M A CB    1 
HETATM 77  C  CG    . H5M A 1 9  ? -4.470 -9.887  -0.534  1.00 6.15  ? 9    H5M A CG    1 
HETATM 78  C  CD    . H5M A 1 9  ? -5.156 -8.692  -1.211  1.00 4.82  ? 9    H5M A CD    1 
HETATM 79  O  OB    . H5M A 1 9  ? -2.337 -10.025 -1.763  1.00 6.05  ? 9    H5M A OB    1 
HETATM 80  C  CD1   . H5M A 1 9  ? -6.542 -8.409  -0.662  1.00 6.88  ? 9    H5M A CD1   1 
HETATM 81  N  N     . SAR A 1 10 ? -5.006 -12.589 -3.788  1.00 5.53  ? 10   SAR A N     1 
HETATM 82  C  CA    . SAR A 1 10 ? -3.826 -12.582 -4.642  1.00 5.53  ? 10   SAR A CA    1 
HETATM 83  C  C     . SAR A 1 10 ? -4.138 -12.177 -6.098  1.00 4.78  ? 10   SAR A C     1 
HETATM 84  O  O     . SAR A 1 10 ? -5.265 -11.738 -6.373  1.00 5.33  ? 10   SAR A O     1 
HETATM 85  C  CN    . SAR A 1 10 ? -5.878 -13.768 -3.982  1.00 7.00  ? 10   SAR A CN    1 
HETATM 86  N  N     . MVA A 1 11 ? -3.181 -12.343 -7.025  1.00 4.95  ? 11   MVA A N     1 
HETATM 87  C  CN    . MVA A 1 11 ? -1.799 -12.795 -6.701  1.00 6.71  ? 11   MVA A CN    1 
HETATM 88  C  CA    . MVA A 1 11 ? -3.534 -12.083 -8.435  1.00 4.65  ? 11   MVA A CA    1 
HETATM 89  C  CB    . MVA A 1 11 ? -4.587 -13.055 -9.068  1.00 5.91  ? 11   MVA A CB    1 
HETATM 90  C  CG1   . MVA A 1 11 ? -4.461 -14.445 -8.464  1.00 8.10  ? 11   MVA A CG1   1 
HETATM 91  C  CG2   . MVA A 1 11 ? -4.410 -13.042 -10.594 1.00 7.22  ? 11   MVA A CG2   1 
HETATM 92  C  C     . MVA A 1 11 ? -3.921 -10.633 -8.670  1.00 4.22  ? 11   MVA A C     1 
HETATM 93  O  O     . MVA A 1 11 ? -4.877 -10.280 -9.329  1.00 5.52  ? 11   MVA A O     1 
HETATM 94  N  N     . CTH B 1 1  ? 1.449  5.855   3.667   1.00 3.02  ? 1    CTH B N     1 
HETATM 95  C  CA    . CTH B 1 1  ? 1.926  4.871   4.628   1.00 2.92  ? 1    CTH B CA    1 
HETATM 96  C  C     . CTH B 1 1  ? 3.475  4.915   4.668   1.00 3.08  ? 1    CTH B C     1 
HETATM 97  O  O     . CTH B 1 1  ? 4.131  5.265   3.707   1.00 3.79  ? 1    CTH B O     1 
HETATM 98  C  CB    . CTH B 1 1  ? 1.548  3.413   4.290   1.00 3.27  ? 1    CTH B CB    1 
HETATM 99  C  CG2   . CTH B 1 1  ? 0.079  3.131   4.156   1.00 4.93  ? 1    CTH B CG2   1 
HETATM 100 CL CL2   A CTH B 1 1  ? -0.648 3.576   2.644   0.85 5.49  ? 1    CTH B CL2   1 
HETATM 101 CL CL2   B CTH B 1 1  ? -0.630 1.667   3.629   0.15 6.50  ? 1    CTH B CL2   1 
HETATM 102 O  OG1   . CTH B 1 1  ? 2.285  2.965   3.131   1.00 3.51  ? 1    CTH B OG1   1 
HETATM 103 N  N     . DVA B 1 2  ? 3.972  4.423   5.819   1.00 3.26  ? 2    DVA B N     1 
HETATM 104 C  CA    . DVA B 1 2  ? 5.347  3.917   5.924   1.00 3.54  ? 2    DVA B CA    1 
HETATM 105 C  CB    . DVA B 1 2  ? 5.447  2.891   7.087   1.00 4.29  ? 2    DVA B CB    1 
HETATM 106 C  CG1   . DVA B 1 2  ? 6.827  2.238   7.084   1.00 5.51  ? 2    DVA B CG1   1 
HETATM 107 C  CG2   . DVA B 1 2  ? 4.366  1.836   6.990   1.00 5.29  ? 2    DVA B CG2   1 
HETATM 108 C  C     . DVA B 1 2  ? 6.319  5.090   6.183   1.00 3.70  ? 2    DVA B C     1 
HETATM 109 O  O     . DVA B 1 2  ? 6.262  5.748   7.239   1.00 4.02  ? 2    DVA B O     1 
HETATM 110 N  N     . POM B 1 3  ? 7.279  5.352   5.274   1.00 3.91  ? 3    POM B N     1 
HETATM 111 C  CA    . POM B 1 3  ? 7.260  4.904   3.832   1.00 4.12  ? 3    POM B CA    1 
HETATM 112 C  C     . POM B 1 3  ? 7.962  3.561   3.653   1.00 4.01  ? 3    POM B C     1 
HETATM 113 O  O     . POM B 1 3  ? 8.802  3.181   4.475   1.00 6.06  ? 3    POM B O     1 
HETATM 114 C  CB    . POM B 1 3  ? 8.059  5.986   3.115   1.00 4.66  ? 3    POM B CB    1 
HETATM 115 C  CG    . POM B 1 3  ? 8.767  6.784   4.185   1.00 5.13  ? 3    POM B CG    1 
HETATM 116 C  CD    . POM B 1 3  ? 8.302  6.358   5.549   1.00 4.61  ? 3    POM B CD    1 
HETATM 117 O  OG    . POM B 1 3  ? 9.604  7.626   4.020   1.00 8.63  ? 3    POM B OG    1 
HETATM 118 C  CD1   . POM B 1 3  ? 9.437  5.795   6.396   1.00 6.18  ? 3    POM B CD1   1 
HETATM 119 N  N     . SAR B 1 4  ? 7.690  2.853   2.520   1.00 3.95  ? 4    SAR B N     1 
HETATM 120 C  CA    . SAR B 1 4  ? 6.515  3.090   1.669   1.00 3.75  ? 4    SAR B CA    1 
HETATM 121 C  C     . SAR B 1 4  ? 5.302  2.322   2.185   1.00 3.74  ? 4    SAR B C     1 
HETATM 122 O  O     . SAR B 1 4  ? 5.249  1.901   3.341   1.00 3.89  ? 4    SAR B O     1 
HETATM 123 C  CN    . SAR B 1 4  ? 8.390  1.603   2.282   1.00 5.16  ? 4    SAR B CN    1 
HETATM 124 N  N     . MAA B 1 5  ? 4.264  2.123   1.309   1.00 3.74  ? 5    MAA B N     1 
HETATM 125 C  CM    . MAA B 1 5  ? 4.329  2.522   -0.118  1.00 4.78  ? 5    MAA B CM    1 
HETATM 126 C  CA    . MAA B 1 5  ? 3.173  1.248   1.713   1.00 3.78  ? 5    MAA B CA    1 
HETATM 127 C  CB    . MAA B 1 5  ? 3.599  -0.224  1.719   1.00 4.96  ? 5    MAA B CB    1 
HETATM 128 C  C     . MAA B 1 5  ? 2.566  1.627   3.067   1.00 3.55  ? 5    MAA B C     1 
HETATM 129 O  O     . MAA B 1 5  ? 2.241  0.846   3.921   1.00 4.92  ? 5    MAA B O     1 
HETATM 130 C  C1    . PXZ B 1 6  ? -0.254 7.374   2.775   1.00 3.16  ? 6    PXZ B C1    1 
HETATM 131 C  C0    . PXZ B 1 6  ? 0.253  6.437   3.842   1.00 2.96  ? 6    PXZ B C0    1 
HETATM 132 O  O1    . PXZ B 1 6  ? -0.469 6.133   4.822   1.00 3.64  ? 6    PXZ B O1    1 
HETATM 133 C  C2    . PXZ B 1 6  ? -1.639 7.472   2.601   1.00 3.58  ? 6    PXZ B C2    1 
HETATM 134 N  N2    . PXZ B 1 6  ? -2.563 6.904   3.343   1.00 4.46  ? 6    PXZ B N2    1 
HETATM 135 C  C3    . PXZ B 1 6  ? -2.193 8.254   1.409   1.00 4.30  ? 6    PXZ B C3    1 
HETATM 136 O  O3    . PXZ B 1 6  ? -3.440 8.235   1.235   1.00 5.66  ? 6    PXZ B O3    1 
HETATM 137 C  C4    . PXZ B 1 6  ? -1.287 8.951   0.538   1.00 4.31  ? 6    PXZ B C4    1 
HETATM 138 O  O5    . PXZ B 1 6  ? 0.863  9.620   0.028   1.00 4.57  ? 6    PXZ B O5    1 
HETATM 139 C  C6    . PXZ B 1 6  ? 2.964  10.590  -0.443  1.00 5.05  ? 6    PXZ B C6    1 
HETATM 140 C  C7    . PXZ B 1 6  ? 4.318  10.723  -0.135  1.00 5.48  ? 6    PXZ B C7    1 
HETATM 141 C  C8    . PXZ B 1 6  ? 4.862  10.039  0.955   1.00 4.68  ? 6    PXZ B C8    1 
HETATM 142 C  C9    . PXZ B 1 6  ? 4.071  9.213   1.785   1.00 3.65  ? 6    PXZ B C9    1 
HETATM 143 C  "C0'" . PXZ B 1 6  ? 4.739  8.663   2.998   1.00 3.82  ? 6    PXZ B "C0'" 1 
HETATM 144 O  "O1'" . PXZ B 1 6  ? 5.879  8.203   2.949   1.00 4.76  ? 6    PXZ B "O1'" 1 
HETATM 145 N  N10   . PXZ B 1 6  ? 1.920  8.226   2.239   1.00 3.32  ? 6    PXZ B N10   1 
HETATM 146 C  C11   . PXZ B 1 6  ? 0.616  8.149   1.964   1.00 3.28  ? 6    PXZ B C11   1 
HETATM 147 C  C12   . PXZ B 1 6  ? 0.025  8.906   0.839   1.00 3.74  ? 6    PXZ B C12   1 
HETATM 148 C  C13   . PXZ B 1 6  ? 2.192  9.757   0.361   1.00 4.06  ? 6    PXZ B C13   1 
HETATM 149 C  C14   . PXZ B 1 6  ? 2.715  9.061   1.469   1.00 3.40  ? 6    PXZ B C14   1 
HETATM 150 C  C15   . PXZ B 1 6  ? -1.861 9.708   -0.623  1.00 6.66  ? 6    PXZ B C15   1 
HETATM 151 C  C16   . PXZ B 1 6  ? 2.287  11.356  -1.595  1.00 6.80  ? 6    PXZ B C16   1 
ATOM   152 N  N     . THR B 1 7  ? 4.066  8.813   4.159   1.00 3.40  ? 7    THR B N     1 
ATOM   153 C  CA    . THR B 1 7  ? 4.625  8.414   5.435   1.00 3.23  ? 7    THR B CA    1 
ATOM   154 C  C     . THR B 1 7  ? 3.458  8.027   6.386   1.00 3.22  ? 7    THR B C     1 
ATOM   155 O  O     . THR B 1 7  ? 2.316  8.426   6.169   1.00 4.37  ? 7    THR B O     1 
ATOM   156 C  CB    . THR B 1 7  ? 5.425  9.541   6.134   1.00 3.94  ? 7    THR B CB    1 
ATOM   157 O  OG1   . THR B 1 7  ? 4.473  10.560  6.554   1.00 3.98  ? 7    THR B OG1   1 
ATOM   158 C  CG2   . THR B 1 7  ? 6.494  10.179  5.240   1.00 4.83  ? 7    THR B CG2   1 
HETATM 159 N  N     . DVA B 1 8  ? 3.814  7.312   7.437   1.00 3.49  ? 8    DVA B N     1 
HETATM 160 C  CA    . DVA B 1 8  ? 2.907  7.066   8.576   1.00 3.58  ? 8    DVA B CA    1 
HETATM 161 C  CB    . DVA B 1 8  ? 3.719  6.435   9.755   1.00 4.15  ? 8    DVA B CB    1 
HETATM 162 C  CG1   . DVA B 1 8  ? 4.841  7.365   10.177  1.00 6.33  ? 8    DVA B CG1   1 
HETATM 163 C  CG2   . DVA B 1 8  ? 2.786  6.076   10.912  1.00 5.49  ? 8    DVA B CG2   1 
HETATM 164 C  C     . DVA B 1 8  ? 1.747  6.167   8.199   1.00 3.38  ? 8    DVA B C     1 
HETATM 165 O  O     . DVA B 1 8  ? 1.969  4.986   7.841   1.00 4.02  ? 8    DVA B O     1 
HETATM 166 N  N     . H5M B 1 9  ? 0.498  6.628   8.360   1.00 3.56  ? 9    H5M B N     1 
HETATM 167 C  CA    . H5M B 1 9  ? 0.113  8.059   8.349   1.00 3.53  ? 9    H5M B CA    1 
HETATM 168 C  C     . H5M B 1 9  ? 0.141  8.700   9.756   1.00 3.93  ? 9    H5M B C     1 
HETATM 169 O  O     . H5M B 1 9  ? 0.048  7.975   10.768  1.00 4.67  ? 9    H5M B O     1 
HETATM 170 C  CB    . H5M B 1 9  ? -1.341 8.049   7.794   1.00 4.26  ? 9    H5M B CB    1 
HETATM 171 C  CG    . H5M B 1 9  ? -1.879 6.696   8.198   1.00 4.91  ? 9    H5M B CG    1 
HETATM 172 C  CD    . H5M B 1 9  ? -0.685 5.718   8.176   1.00 4.23  ? 9    H5M B CD    1 
HETATM 173 O  OB    . H5M B 1 9  ? -1.340 8.306   6.394   1.00 5.03  ? 9    H5M B OB    1 
HETATM 174 C  CD1   . H5M B 1 9  ? -0.754 4.674   9.277   1.00 5.63  ? 9    H5M B CD1   1 
HETATM 175 N  N     . SAR B 1 10 ? 0.198  10.033  9.826   1.00 4.92  ? 10   SAR B N     1 
HETATM 176 C  CA    . SAR B 1 10 ? 0.547  10.876  8.674   1.00 4.97  ? 10   SAR B CA    1 
HETATM 177 C  C     . SAR B 1 10 ? 2.067  11.112  8.604   1.00 4.37  ? 10   SAR B C     1 
HETATM 178 O  O     . SAR B 1 10 ? 2.848  10.485  9.322   1.00 5.21  ? 10   SAR B O     1 
HETATM 179 C  CN    . SAR B 1 10 ? 0.219  10.671  11.152  1.00 6.89  ? 10   SAR B CN    1 
HETATM 180 N  N     . MVA B 1 11 ? 2.501  12.071  7.738   1.00 4.32  ? 11   MVA B N     1 
HETATM 181 C  CN    . MVA B 1 11 ? 1.605  12.820  6.848   1.00 5.46  ? 11   MVA B CN    1 
HETATM 182 C  CA    . MVA B 1 11 ? 3.907  12.499  7.838   1.00 4.27  ? 11   MVA B CA    1 
HETATM 183 C  CB    . MVA B 1 11 ? 4.228  13.263  9.142   1.00 5.14  ? 11   MVA B CB    1 
HETATM 184 C  CG1   . MVA B 1 11 ? 5.472  14.135  8.955   1.00 7.44  ? 11   MVA B CG1   1 
HETATM 185 C  CG2   . MVA B 1 11 ? 3.063  14.146  9.591   1.00 8.17  ? 11   MVA B CG2   1 
HETATM 186 C  C     . MVA B 1 11 ? 4.844  11.320  7.620   1.00 4.05  ? 11   MVA B C     1 
HETATM 187 O  O     . MVA B 1 11 ? 5.864  11.144  8.251   1.00 5.31  ? 11   MVA B O     1 
HETATM 188 C  C1    . BNZ C 2 .  ? 3.601  -4.270  -1.678  1.00 7.35  ? 101  BNZ A C1    1 
HETATM 189 C  C2    . BNZ C 2 .  ? 3.408  -4.100  -3.053  1.00 7.11  ? 101  BNZ A C2    1 
HETATM 190 C  C3    . BNZ C 2 .  ? 2.124  -3.862  -3.553  1.00 6.99  ? 101  BNZ A C3    1 
HETATM 191 C  C4    . BNZ C 2 .  ? 1.056  -3.787  -2.680  1.00 8.16  ? 101  BNZ A C4    1 
HETATM 192 C  C5    . BNZ C 2 .  ? 1.247  -4.000  -1.319  1.00 8.83  ? 101  BNZ A C5    1 
HETATM 193 C  C6    . BNZ C 2 .  ? 2.522  -4.217  -0.817  1.00 7.99  ? 101  BNZ A C6    1 
HETATM 194 C  C1    . BNZ D 2 .  ? -2.363 5.192   -2.409  1.00 14.44 ? 109  BNZ A C1    1 
HETATM 195 C  C2    . BNZ D 2 .  ? -3.308 4.202   -2.582  1.00 14.84 ? 109  BNZ A C2    1 
HETATM 196 C  C3    . BNZ D 2 .  ? -3.882 3.575   -1.468  1.00 14.67 ? 109  BNZ A C3    1 
HETATM 197 C  C4    . BNZ D 2 .  ? -3.460 3.929   -0.188  1.00 13.56 ? 109  BNZ A C4    1 
HETATM 198 C  C5    . BNZ D 2 .  ? -2.548 4.932   -0.022  1.00 13.58 ? 109  BNZ A C5    1 
HETATM 199 C  C6    . BNZ D 2 .  ? -1.992 5.579   -1.117  1.00 13.57 ? 109  BNZ A C6    1 
HETATM 200 C  C1    . BNZ E 2 .  ? -3.664 -7.259  2.637   1.00 12.24 ? 110  BNZ A C1    1 
HETATM 201 C  C2    . BNZ E 2 .  ? -5.006 -6.975  2.785   1.00 10.55 ? 110  BNZ A C2    1 
HETATM 202 C  C3    . BNZ E 2 .  ? -5.573 -6.899  4.043   1.00 9.37  ? 110  BNZ A C3    1 
HETATM 203 C  C4    . BNZ E 2 .  ? -4.797 -7.102  5.154   1.00 11.11 ? 110  BNZ A C4    1 
HETATM 204 C  C5    . BNZ E 2 .  ? -3.442 -7.360  5.029   1.00 13.45 ? 110  BNZ A C5    1 
HETATM 205 C  C6    . BNZ E 2 .  ? -2.866 -7.449  3.763   1.00 13.53 ? 110  BNZ A C6    1 
HETATM 206 C  C1    . BNZ F 2 .  ? -0.093 -13.336 -10.824 1.00 16.02 ? 115  BNZ A C1    1 
HETATM 207 C  C2    . BNZ F 2 .  ? 0.894  -13.494 -9.844  1.00 12.72 ? 115  BNZ A C2    1 
HETATM 208 C  C3    . BNZ F 2 .  ? 1.447  -12.416 -9.247  1.00 14.17 ? 115  BNZ A C3    1 
HETATM 209 C  C4    . BNZ F 2 .  ? 1.073  -11.113 -9.618  1.00 16.33 ? 115  BNZ A C4    1 
HETATM 210 C  C5    . BNZ F 2 .  ? 0.077  -10.957 -10.576 1.00 14.67 ? 115  BNZ A C5    1 
HETATM 211 C  C6    . BNZ F 2 .  ? -0.443 -12.035 -11.224 1.00 16.23 ? 115  BNZ A C6    1 
HETATM 212 C  C1    A BNZ G 2 .  ? 11.448 -13.807 -1.397  0.63 17.61 ? 116  BNZ A C1    1 
HETATM 213 C  C1    B BNZ G 2 .  ? 10.877 -12.141 -2.536  0.37 16.93 ? 116  BNZ A C1    1 
HETATM 214 C  C2    A BNZ G 2 .  ? 11.545 -12.510 -0.889  0.63 14.51 ? 116  BNZ A C2    1 
HETATM 215 C  C2    B BNZ G 2 .  ? 11.600 -11.695 -1.441  0.37 14.75 ? 116  BNZ A C2    1 
HETATM 216 C  C3    A BNZ G 2 .  ? 12.458 -11.623 -1.433  0.63 12.85 ? 116  BNZ A C3    1 
HETATM 217 C  C3    B BNZ G 2 .  ? 12.994 -11.743 -1.462  0.37 13.68 ? 116  BNZ A C3    1 
HETATM 218 C  C4    A BNZ G 2 .  ? 13.301 -12.026 -2.475  0.63 12.71 ? 116  BNZ A C4    1 
HETATM 219 C  C4    B BNZ G 2 .  ? 13.651 -12.244 -2.581  0.37 13.16 ? 116  BNZ A C4    1 
HETATM 220 C  C5    A BNZ G 2 .  ? 13.170 -13.305 -3.009  0.63 13.54 ? 116  BNZ A C5    1 
HETATM 221 C  C5    B BNZ G 2 .  ? 12.929 -12.693 -3.678  0.37 14.79 ? 116  BNZ A C5    1 
HETATM 222 C  C6    A BNZ G 2 .  ? 12.276 -14.200 -2.442  0.63 16.58 ? 116  BNZ A C6    1 
HETATM 223 C  C6    B BNZ G 2 .  ? 11.537 -12.633 -3.662  0.37 17.85 ? 116  BNZ A C6    1 
HETATM 224 C  C1    A BNZ H 2 .  ? -8.631 2.234   -3.020  0.57 12.67 ? 118  BNZ A C1    1 
HETATM 225 C  C1    B BNZ H 2 .  ? -8.469 2.455   -2.175  0.43 12.51 ? 118  BNZ A C1    1 
HETATM 226 C  C2    A BNZ H 2 .  ? -7.823 1.263   -2.405  0.57 13.13 ? 118  BNZ A C2    1 
HETATM 227 C  C2    B BNZ H 2 .  ? -8.474 2.068   -3.508  0.43 12.83 ? 118  BNZ A C2    1 
HETATM 228 C  C3    A BNZ H 2 .  ? -6.661 0.846   -3.040  0.57 10.80 ? 118  BNZ A C3    1 
HETATM 229 C  C3    B BNZ H 2 .  ? -7.500 1.176   -3.975  0.43 12.60 ? 118  BNZ A C3    1 
HETATM 230 C  C4    A BNZ H 2 .  ? -6.296 1.380   -4.261  0.57 10.53 ? 118  BNZ A C4    1 
HETATM 231 C  C4    B BNZ H 2 .  ? -6.524 0.708   -3.118  0.43 11.95 ? 118  BNZ A C4    1 
HETATM 232 C  C5    A BNZ H 2 .  ? -7.113 2.318   -4.888  0.57 11.61 ? 118  BNZ A C5    1 
HETATM 233 C  C5    B BNZ H 2 .  ? -6.550 1.065   -1.762  0.43 12.84 ? 118  BNZ A C5    1 
HETATM 234 C  C6    A BNZ H 2 .  ? -8.248 2.789   -4.223  0.57 12.64 ? 118  BNZ A C6    1 
HETATM 235 C  C6    B BNZ H 2 .  ? -7.512 1.943   -1.300  0.43 12.88 ? 118  BNZ A C6    1 
HETATM 236 C  C1    A BNZ I 2 .  ? -6.320 6.874   -4.641  0.55 14.80 ? 119  BNZ A C1    1 
HETATM 237 C  C1    B BNZ I 2 .  ? -6.730 5.804   -2.196  0.45 11.03 ? 119  BNZ A C1    1 
HETATM 238 C  C2    A BNZ I 2 .  ? -7.151 6.229   -3.708  0.55 13.34 ? 119  BNZ A C2    1 
HETATM 239 C  C2    B BNZ I 2 .  ? -5.773 6.563   -1.552  0.45 10.32 ? 119  BNZ A C2    1 
HETATM 240 C  C3    A BNZ I 2 .  ? -7.040 6.534   -2.369  0.55 13.25 ? 119  BNZ A C3    1 
HETATM 241 C  C3    B BNZ I 2 .  ? -6.036 7.876   -1.184  0.45 9.74  ? 119  BNZ A C3    1 
HETATM 242 C  C4    A BNZ I 2 .  ? -6.083 7.463   -1.929  0.55 12.85 ? 119  BNZ A C4    1 
HETATM 243 C  C4    B BNZ I 2 .  ? -7.291 8.418   -1.450  0.45 9.36  ? 119  BNZ A C4    1 
HETATM 244 C  C5    A BNZ I 2 .  ? -5.336 8.161   -2.859  0.55 12.81 ? 119  BNZ A C5    1 
HETATM 245 C  C5    B BNZ I 2 .  ? -8.249 7.674   -2.118  0.45 9.12  ? 119  BNZ A C5    1 
HETATM 246 C  C6    A BNZ I 2 .  ? -5.379 7.763   -4.216  0.55 13.67 ? 119  BNZ A C6    1 
HETATM 247 C  C6    B BNZ I 2 .  ? -7.980 6.369   -2.511  0.45 11.23 ? 119  BNZ A C6    1 
HETATM 248 C  C1    . BNZ J 2 .  ? -7.864 -15.024 1.104   1.00 18.75 ? 120  BNZ A C1    1 
HETATM 249 C  C2    . BNZ J 2 .  ? -7.142 -14.338 0.131   1.00 16.75 ? 120  BNZ A C2    1 
HETATM 250 C  C3    . BNZ J 2 .  ? -5.952 -14.839 -0.361  1.00 14.93 ? 120  BNZ A C3    1 
HETATM 251 C  C4    . BNZ J 2 .  ? -5.459 -16.027 0.117   1.00 13.91 ? 120  BNZ A C4    1 
HETATM 252 C  C5    . BNZ J 2 .  ? -6.184 -16.740 1.083   1.00 12.42 ? 120  BNZ A C5    1 
HETATM 253 C  C6    . BNZ J 2 .  ? -7.374 -16.268 1.559   1.00 15.67 ? 120  BNZ A C6    1 
HETATM 254 C  C1    . BNZ K 2 .  ? 1.360  -0.334  -1.343  1.00 5.85  ? 102  BNZ B C1    1 
HETATM 255 C  C2    . BNZ K 2 .  ? 1.542  0.840   -2.041  1.00 5.51  ? 102  BNZ B C2    1 
HETATM 256 C  C3    . BNZ K 2 .  ? 0.818  1.979   -1.691  1.00 6.27  ? 102  BNZ B C3    1 
HETATM 257 C  C4    . BNZ K 2 .  ? -0.100 1.910   -0.667  1.00 7.49  ? 102  BNZ B C4    1 
HETATM 258 C  C5    . BNZ K 2 .  ? -0.274 0.725   0.052   1.00 7.64  ? 102  BNZ B C5    1 
HETATM 259 C  C6    . BNZ K 2 .  ? 0.472  -0.390  -0.276  1.00 6.66  ? 102  BNZ B C6    1 
HETATM 260 C  C1    . BNZ L 2 .  ? 18.258 -3.316  2.958   1.00 7.94  ? 103  BNZ B C1    1 
HETATM 261 C  C2    . BNZ L 2 .  ? 17.657 -3.008  1.755   1.00 8.55  ? 103  BNZ B C2    1 
HETATM 262 C  C3    . BNZ L 2 .  ? 16.337 -3.364  1.528   1.00 8.28  ? 103  BNZ B C3    1 
HETATM 263 C  C4    . BNZ L 2 .  ? 15.624 -4.019  2.511   1.00 7.17  ? 103  BNZ B C4    1 
HETATM 264 C  C5    . BNZ L 2 .  ? 16.222 -4.334  3.719   1.00 7.07  ? 103  BNZ B C5    1 
HETATM 265 C  C6    . BNZ L 2 .  ? 17.539 -3.965  3.953   1.00 7.63  ? 103  BNZ B C6    1 
HETATM 266 C  C1    . BNZ M 2 .  ? -4.651 4.337   9.904   1.00 6.75  ? 104  BNZ B C1    1 
HETATM 267 C  C2    . BNZ M 2 .  ? -6.011 4.143   9.698   1.00 8.10  ? 104  BNZ B C2    1 
HETATM 268 C  C3    . BNZ M 2 .  ? -6.795 3.588   10.703  1.00 6.78  ? 104  BNZ B C3    1 
HETATM 269 C  C4    . BNZ M 2 .  ? -6.189 3.205   11.902  1.00 5.70  ? 104  BNZ B C4    1 
HETATM 270 C  C5    . BNZ M 2 .  ? -4.836 3.404   12.100  1.00 5.37  ? 104  BNZ B C5    1 
HETATM 271 C  C6    . BNZ M 2 .  ? -4.067 3.988   11.103  1.00 5.11  ? 104  BNZ B C6    1 
HETATM 272 C  C1    . BNZ N 2 .  ? 8.497  9.146   -0.492  1.00 8.42  ? 105  BNZ B C1    1 
HETATM 273 C  C2    . BNZ N 2 .  ? 8.983  8.677   0.729   1.00 8.72  ? 105  BNZ B C2    1 
HETATM 274 C  C3    . BNZ N 2 .  ? 10.298 8.263   0.839   1.00 8.82  ? 105  BNZ B C3    1 
HETATM 275 C  C4    . BNZ N 2 .  ? 11.132 8.312   -0.270  1.00 9.46  ? 105  BNZ B C4    1 
HETATM 276 C  C5    . BNZ N 2 .  ? 10.644 8.763   -1.493  1.00 9.01  ? 105  BNZ B C5    1 
HETATM 277 C  C6    . BNZ N 2 .  ? 9.328  9.191   -1.597  1.00 7.89  ? 105  BNZ B C6    1 
HETATM 278 C  C1    . BNZ O 2 .  ? 10.201 -0.809  11.562  1.00 10.08 ? 106  BNZ B C1    1 
HETATM 279 C  C2    . BNZ O 2 .  ? 10.153 -0.209  10.306  1.00 9.30  ? 106  BNZ B C2    1 
HETATM 280 C  C3    . BNZ O 2 .  ? 9.013  -0.336  9.516   1.00 9.47  ? 106  BNZ B C3    1 
HETATM 281 C  C4    . BNZ O 2 .  ? 7.940  -1.092  9.954   1.00 10.77 ? 106  BNZ B C4    1 
HETATM 282 C  C5    . BNZ O 2 .  ? 7.975  -1.663  11.230  1.00 10.98 ? 106  BNZ B C5    1 
HETATM 283 C  C6    . BNZ O 2 .  ? 9.123  -1.536  11.994  1.00 10.87 ? 106  BNZ B C6    1 
HETATM 284 C  C1    . BNZ P 2 .  ? 12.784 2.831   2.916   1.00 9.89  ? 107  BNZ B C1    1 
HETATM 285 C  C2    . BNZ P 2 .  ? 13.596 3.307   1.890   1.00 10.23 ? 107  BNZ B C2    1 
HETATM 286 C  C3    . BNZ P 2 .  ? 13.787 4.699   1.766   1.00 10.01 ? 107  BNZ B C3    1 
HETATM 287 C  C4    . BNZ P 2 .  ? 13.129 5.551   2.628   1.00 9.86  ? 107  BNZ B C4    1 
HETATM 288 C  C5    . BNZ P 2 .  ? 12.383 5.064   3.679   1.00 10.15 ? 107  BNZ B C5    1 
HETATM 289 C  C6    . BNZ P 2 .  ? 12.199 3.701   3.808   1.00 10.70 ? 107  BNZ B C6    1 
HETATM 290 C  C1    . BNZ Q 2 .  ? 1.896  18.242  7.615   1.00 12.86 ? 108  BNZ B C1    1 
HETATM 291 C  C2    . BNZ Q 2 .  ? 0.914  19.238  7.751   1.00 13.04 ? 108  BNZ B C2    1 
HETATM 292 C  C3    . BNZ Q 2 .  ? -0.365 19.023  7.319   1.00 14.13 ? 108  BNZ B C3    1 
HETATM 293 C  C4    . BNZ Q 2 .  ? -0.695 17.789  6.687   1.00 13.27 ? 108  BNZ B C4    1 
HETATM 294 C  C5    . BNZ Q 2 .  ? 0.266  16.816  6.599   1.00 12.49 ? 108  BNZ B C5    1 
HETATM 295 C  C6    . BNZ Q 2 .  ? 1.561  17.026  7.065   1.00 12.37 ? 108  BNZ B C6    1 
HETATM 296 C  C1    . BNZ R 2 .  ? 12.239 1.835   7.866   1.00 10.30 ? 111  BNZ B C1    1 
HETATM 297 C  C2    . BNZ R 2 .  ? 13.086 0.964   7.147   1.00 8.67  ? 111  BNZ B C2    1 
HETATM 298 C  C3    . BNZ R 2 .  ? 12.602 0.324   6.022   1.00 7.48  ? 111  BNZ B C3    1 
HETATM 299 C  C4    . BNZ R 2 .  ? 11.276 0.498   5.637   1.00 9.35  ? 111  BNZ B C4    1 
HETATM 300 C  C5    . BNZ R 2 .  ? 10.456 1.338   6.339   1.00 11.22 ? 111  BNZ B C5    1 
HETATM 301 C  C6    . BNZ R 2 .  ? 10.950 2.052   7.442   1.00 10.68 ? 111  BNZ B C6    1 
HETATM 302 C  C1    . BNZ S 2 .  ? -4.127 1.944   6.892   1.00 15.06 ? 112  BNZ B C1    1 
HETATM 303 C  C2    . BNZ S 2 .  ? -5.422 2.296   6.464   1.00 13.91 ? 112  BNZ B C2    1 
HETATM 304 C  C3    . BNZ S 2 .  ? -5.612 3.431   5.698   1.00 11.52 ? 112  BNZ B C3    1 
HETATM 305 C  C4    . BNZ S 2 .  ? -4.494 4.213   5.329   1.00 9.78  ? 112  BNZ B C4    1 
HETATM 306 C  C5    . BNZ S 2 .  ? -3.261 3.887   5.807   1.00 9.08  ? 112  BNZ B C5    1 
HETATM 307 C  C6    . BNZ S 2 .  ? -3.059 2.727   6.536   1.00 10.18 ? 112  BNZ B C6    1 
HETATM 308 C  C1    . BNZ T 2 .  ? 10.943 -2.164  2.956   1.00 12.71 ? 113  BNZ B C1    1 
HETATM 309 C  C2    . BNZ T 2 .  ? 10.380 -1.376  1.935   1.00 11.78 ? 113  BNZ B C2    1 
HETATM 310 C  C3    . BNZ T 2 .  ? 11.201 -0.603  1.180   1.00 11.07 ? 113  BNZ B C3    1 
HETATM 311 C  C4    . BNZ T 2 .  ? 12.579 -0.579  1.364   1.00 11.95 ? 113  BNZ B C4    1 
HETATM 312 C  C5    . BNZ T 2 .  ? 13.138 -1.359  2.359   1.00 10.80 ? 113  BNZ B C5    1 
HETATM 313 C  C6    . BNZ T 2 .  ? 12.307 -2.144  3.141   1.00 11.34 ? 113  BNZ B C6    1 
HETATM 314 C  C1    . BNZ U 2 .  ? 7.705  -4.802  1.894   1.00 19.24 ? 114  BNZ B C1    1 
HETATM 315 C  C2    . BNZ U 2 .  ? 6.565  -4.008  2.070   1.00 15.53 ? 114  BNZ B C2    1 
HETATM 316 C  C3    . BNZ U 2 .  ? 5.312  -4.533  1.872   1.00 11.47 ? 114  BNZ B C3    1 
HETATM 317 C  C4    . BNZ U 2 .  ? 5.161  -5.868  1.458   1.00 10.31 ? 114  BNZ B C4    1 
HETATM 318 C  C5    . BNZ U 2 .  ? 6.278  -6.664  1.342   1.00 11.17 ? 114  BNZ B C5    1 
HETATM 319 C  C6    . BNZ U 2 .  ? 7.547  -6.130  1.494   1.00 16.98 ? 114  BNZ B C6    1 
HETATM 320 C  C1    A BNZ V 2 .  ? -0.012 -5.979  12.633  0.44 22.41 ? 117  BNZ B C1    1 
HETATM 321 C  C1    B BNZ V 2 .  ? 2.261  -6.953  12.636  0.56 20.77 ? 117  BNZ B C1    1 
HETATM 322 C  C2    A BNZ V 2 .  ? 0.744  -6.917  11.946  0.44 21.23 ? 117  BNZ B C2    1 
HETATM 323 C  C2    B BNZ V 2 .  ? 1.107  -7.677  12.776  0.56 20.97 ? 117  BNZ B C2    1 
HETATM 324 C  C3    A BNZ V 2 .  ? 1.923  -7.405  12.508  0.44 20.55 ? 117  BNZ B C3    1 
HETATM 325 C  C3    B BNZ V 2 .  ? 0.249  -7.451  13.860  0.56 21.16 ? 117  BNZ B C3    1 
HETATM 326 C  C4    A BNZ V 2 .  ? 2.341  -6.964  13.747  0.44 21.20 ? 117  BNZ B C4    1 
HETATM 327 C  C4    B BNZ V 2 .  ? 0.559  -6.487  14.794  0.56 21.82 ? 117  BNZ B C4    1 
HETATM 328 C  C5    A BNZ V 2 .  ? 1.616  -5.974  14.418  0.44 21.73 ? 117  BNZ B C5    1 
HETATM 329 C  C5    B BNZ V 2 .  ? 1.774  -5.760  14.672  0.56 21.13 ? 117  BNZ B C5    1 
HETATM 330 C  C6    A BNZ V 2 .  ? 0.380  -5.562  13.897  0.44 23.01 ? 117  BNZ B C6    1 
HETATM 331 C  C6    B BNZ V 2 .  ? 2.575  -5.949  13.575  0.56 20.57 ? 117  BNZ B C6    1 
HETATM 332 O  O     . HOH W 3 .  ? -0.147 -3.409  -6.614  1.00 6.91  ? 2001 HOH A O     1 
# 
loop_
_atom_site_anisotrop.id 
_atom_site_anisotrop.type_symbol 
_atom_site_anisotrop.pdbx_label_atom_id 
_atom_site_anisotrop.pdbx_label_alt_id 
_atom_site_anisotrop.pdbx_label_comp_id 
_atom_site_anisotrop.pdbx_label_asym_id 
_atom_site_anisotrop.pdbx_label_seq_id 
_atom_site_anisotrop.pdbx_PDB_ins_code 
_atom_site_anisotrop.U[1][1] 
_atom_site_anisotrop.U[2][2] 
_atom_site_anisotrop.U[3][3] 
_atom_site_anisotrop.U[1][2] 
_atom_site_anisotrop.U[1][3] 
_atom_site_anisotrop.U[2][3] 
_atom_site_anisotrop.pdbx_auth_seq_id 
_atom_site_anisotrop.pdbx_auth_comp_id 
_atom_site_anisotrop.pdbx_auth_asym_id 
_atom_site_anisotrop.pdbx_auth_atom_id 
1   N  N     . CTH A 1  ? 0.0300 0.0442 0.0329 0.0049  -0.0061 0.0164  1    CTH A N     
2   C  CA    . CTH A 1  ? 0.0316 0.0472 0.0368 0.0059  -0.0079 0.0168  1    CTH A CA    
3   C  C     . CTH A 1  ? 0.0300 0.0419 0.0309 0.0077  -0.0047 0.0091  1    CTH A C     
4   O  O     . CTH A 1  ? 0.0416 0.0540 0.0310 0.0020  -0.0024 0.0183  1    CTH A O     
5   C  CB    . CTH A 1  ? 0.0361 0.0535 0.0307 0.0074  -0.0003 0.0090  1    CTH A CB    
6   C  CG2   . CTH A 1  ? 0.0764 0.0831 0.0283 0.0183  -0.0002 0.0075  1    CTH A CG2   
7   CL CL2   . CTH A 1  ? 0.1205 0.1052 0.0553 0.0170  0.0314  0.0243  1    CTH A CL2   
8   O  OG1   . CTH A 1  ? 0.0401 0.0473 0.0366 0.0075  -0.0005 0.0020  1    CTH A OG1   
9   N  N     . DVA A 2  ? 0.0356 0.0572 0.0285 0.0032  -0.0046 0.0184  2    DVA A N     
10  C  CA    . DVA A 2  ? 0.0354 0.0587 0.0304 0.0100  -0.0061 0.0128  2    DVA A CA    
11  C  CB    . DVA A 2  ? 0.0401 0.0962 0.0386 0.0179  -0.0075 0.0108  2    DVA A CB    
12  C  CG1   . DVA A 2  ? 0.0676 0.1072 0.0677 0.0308  -0.0001 -0.0076 2    DVA A CG1   
13  C  CG2   . DVA A 2  ? 0.0624 0.0948 0.0966 0.0049  -0.0118 0.0259  2    DVA A CG2   
14  C  C     . DVA A 2  ? 0.0393 0.0482 0.0373 0.0038  -0.0056 0.0154  2    DVA A C     
15  O  O     . DVA A 2  ? 0.0508 0.0503 0.0439 -0.0069 -0.0139 0.0139  2    DVA A O     
16  N  N     . POM A 3  ? 0.0518 0.0457 0.0341 0.0039  -0.0048 0.0095  3    POM A N     
17  C  CA    . POM A 3  ? 0.0424 0.0479 0.0368 -0.0013 -0.0015 0.0154  3    POM A CA    
18  C  C     . POM A 3  ? 0.0495 0.0490 0.0247 -0.0002 -0.0025 0.0115  3    POM A C     
19  O  O     . POM A 3  ? 0.0478 0.0579 0.0435 0.0063  -0.0060 0.0149  3    POM A O     
20  C  CB    . POM A 3  ? 0.0471 0.0571 0.0500 0.0124  0.0041  0.0112  3    POM A CB    
21  C  CG    . POM A 3  ? 0.0853 0.0639 0.0379 0.0109  0.0111  0.0127  3    POM A CG    
22  C  CD    . POM A 3  ? 0.0761 0.0499 0.0348 -0.0004 -0.0025 0.0053  3    POM A CD    
23  O  OG    . POM A 3  ? 0.1429 0.1078 0.0531 -0.0147 0.0399  -0.0117 3    POM A OG    
24  C  CD1   . POM A 3  ? 0.0990 0.0658 0.0542 -0.0003 -0.0316 -0.0020 3    POM A CD1   
25  N  N     . SAR A 4  ? 0.0567 0.0470 0.0429 0.0070  -0.0122 0.0089  4    SAR A N     
26  C  CA    . SAR A 4  ? 0.0519 0.0553 0.0414 -0.0055 -0.0120 0.0048  4    SAR A CA    
27  C  C     . SAR A 4  ? 0.0494 0.0439 0.0482 0.0003  -0.0075 0.0087  4    SAR A C     
28  O  O     . SAR A 4  ? 0.0426 0.0672 0.0428 -0.0011 -0.0093 0.0051  4    SAR A O     
29  C  CN    . SAR A 4  ? 0.0938 0.0458 0.0727 0.0175  -0.0115 0.0067  4    SAR A CN    
30  N  N     . MAA A 5  ? 0.0460 0.0525 0.0418 -0.0060 -0.0081 0.0028  5    MAA A N     
31  C  CM    . MAA A 5  ? 0.0453 0.0843 0.0588 -0.0120 -0.0030 0.0051  5    MAA A CM    
32  C  CA    . MAA A 5  ? 0.0540 0.0550 0.0426 -0.0018 -0.0082 -0.0010 5    MAA A CA    
33  C  CB    . MAA A 5  ? 0.0788 0.0493 0.0655 -0.0012 -0.0046 -0.0081 5    MAA A CB    
34  C  C     . MAA A 5  ? 0.0513 0.0516 0.0298 0.0070  -0.0132 -0.0030 5    MAA A C     
35  O  O     . MAA A 5  ? 0.0601 0.0583 0.0535 0.0147  0.0097  -0.0055 5    MAA A O     
36  C  C1    . PXZ A 6  ? 0.0335 0.0400 0.0329 0.0017  -0.0056 0.0100  6    PXZ A C1    
37  C  C0    . PXZ A 6  ? 0.0348 0.0487 0.0325 0.0024  -0.0068 0.0139  6    PXZ A C0    
38  O  O1    . PXZ A 6  ? 0.0405 0.0617 0.0421 -0.0001 -0.0038 0.0243  6    PXZ A O1    
39  C  C2    . PXZ A 6  ? 0.0380 0.0404 0.0352 0.0005  -0.0052 0.0146  6    PXZ A C2    
40  N  N2    . PXZ A 6  ? 0.0367 0.0689 0.0308 0.0083  -0.0102 0.0145  6    PXZ A N2    
41  C  C3    . PXZ A 6  ? 0.0380 0.0498 0.0386 -0.0009 -0.0144 0.0097  6    PXZ A C3    
42  O  O3    . PXZ A 6  ? 0.0414 0.0903 0.0435 0.0030  -0.0115 0.0253  6    PXZ A O3    
43  C  C4    . PXZ A 6  ? 0.0343 0.0477 0.0423 0.0027  -0.0114 0.0076  6    PXZ A C4    
44  O  O5    . PXZ A 6  ? 0.0274 0.0718 0.0391 0.0003  -0.0041 0.0143  6    PXZ A O5    
45  C  C6    . PXZ A 6  ? 0.0371 0.0954 0.0436 -0.0015 0.0042  0.0118  6    PXZ A C6    
46  C  C7    . PXZ A 6  ? 0.0496 0.1123 0.0420 -0.0100 0.0090  0.0235  6    PXZ A C7    
47  C  C8    . PXZ A 6  ? 0.0512 0.0807 0.0371 -0.0125 0.0015  0.0162  6    PXZ A C8    
48  C  C9    . PXZ A 6  ? 0.0381 0.0483 0.0415 -0.0013 -0.0016 0.0051  6    PXZ A C9    
49  C  "C0'" . PXZ A 6  ? 0.0344 0.0450 0.0350 0.0003  0.0010  0.0041  6    PXZ A "C0'" 
50  O  "O1'" . PXZ A 6  ? 0.0453 0.0545 0.0386 0.0003  -0.0029 0.0143  6    PXZ A "O1'" 
51  N  N10   . PXZ A 6  ? 0.0294 0.0413 0.0352 -0.0034 -0.0088 0.0088  6    PXZ A N10   
52  C  C11   . PXZ A 6  ? 0.0293 0.0347 0.0337 0.0006  -0.0050 0.0103  6    PXZ A C11   
53  C  C12   . PXZ A 6  ? 0.0262 0.0460 0.0352 0.0025  -0.0057 0.0072  6    PXZ A C12   
54  C  C13   . PXZ A 6  ? 0.0364 0.0577 0.0373 -0.0052 -0.0011 0.0067  6    PXZ A C13   
55  C  C14   . PXZ A 6  ? 0.0325 0.0428 0.0345 -0.0050 -0.0006 0.0037  6    PXZ A C14   
56  C  C15   . PXZ A 6  ? 0.0374 0.0832 0.0509 0.0134  -0.0119 0.0233  6    PXZ A C15   
57  C  C16   . PXZ A 6  ? 0.0373 0.1524 0.0544 -0.0059 0.0056  0.0251  6    PXZ A C16   
58  N  N     . THR A 7  ? 0.0381 0.0468 0.0440 0.0005  -0.0118 0.0090  7    THR A N     
59  C  CA    . THR A 7  ? 0.0340 0.0450 0.0386 -0.0048 -0.0074 0.0088  7    THR A CA    
60  C  C     . THR A 7  ? 0.0397 0.0433 0.0474 -0.0042 -0.0061 0.0111  7    THR A C     
61  O  O     . THR A 7  ? 0.0442 0.0602 0.0529 -0.0044 -0.0095 0.0243  7    THR A O     
62  C  CB    . THR A 7  ? 0.0321 0.0478 0.0486 -0.0007 -0.0066 0.0078  7    THR A CB    
63  O  OG1   . THR A 7  ? 0.0452 0.0414 0.0627 -0.0039 -0.0117 0.0018  7    THR A OG1   
64  C  CG2   . THR A 7  ? 0.0520 0.0614 0.0404 -0.0014 0.0018  0.0066  7    THR A CG2   
65  N  N     . DVA A 8  ? 0.0378 0.0553 0.0470 -0.0027 -0.0057 0.0218  8    DVA A N     
66  C  CA    . DVA A 8  ? 0.0363 0.0476 0.0512 -0.0016 -0.0040 0.0146  8    DVA A CA    
67  C  CB    . DVA A 8  ? 0.0357 0.0505 0.0457 -0.0007 -0.0049 0.0049  8    DVA A CB    
68  C  CG1   . DVA A 8  ? 0.0470 0.0707 0.0530 -0.0027 -0.0083 0.0089  8    DVA A CG1   
69  C  CG2   . DVA A 8  ? 0.0392 0.0598 0.0519 -0.0125 -0.0034 0.0009  8    DVA A CG2   
70  C  C     . DVA A 8  ? 0.0308 0.0590 0.0439 -0.0061 -0.0065 0.0150  8    DVA A C     
71  O  O     . DVA A 8  ? 0.0395 0.0567 0.0380 -0.0051 -0.0041 0.0083  8    DVA A O     
72  N  N     . H5M A 9  ? 0.0502 0.0647 0.0479 -0.0045 -0.0021 0.0209  9    H5M A N     
73  C  CA    . H5M A 9  ? 0.0544 0.0586 0.0688 -0.0058 -0.0139 0.0233  9    H5M A CA    
74  C  C     . H5M A 9  ? 0.0556 0.0658 0.0737 -0.0066 -0.0191 0.0325  9    H5M A C     
75  O  O     . H5M A 9  ? 0.0656 0.0718 0.1073 -0.0139 0.0045  0.0348  9    H5M A O     
76  C  CB    . H5M A 9  ? 0.0544 0.0707 0.0888 -0.0110 -0.0235 0.0411  9    H5M A CB    
77  C  CG    . H5M A 9  ? 0.0688 0.1000 0.0650 -0.0301 -0.0167 0.0465  9    H5M A CG    
78  C  CD    . H5M A 9  ? 0.0596 0.0823 0.0414 -0.0137 -0.0040 0.0263  9    H5M A CD    
79  O  OB    . H5M A 9  ? 0.0546 0.0698 0.1055 -0.0043 -0.0249 0.0239  9    H5M A OB    
80  C  CD1   . H5M A 9  ? 0.0613 0.1481 0.0521 -0.0118 0.0066  0.0199  9    H5M A CD1   
81  N  N     . SAR A 10 ? 0.0705 0.0615 0.0781 -0.0122 -0.0183 0.0287  10   SAR A N     
82  C  CA    . SAR A 10 ? 0.0609 0.0681 0.0814 0.0105  -0.0217 0.0135  10   SAR A CA    
83  C  C     . SAR A 10 ? 0.0606 0.0461 0.0750 -0.0047 -0.0125 0.0112  10   SAR A C     
84  O  O     . SAR A 10 ? 0.0586 0.0650 0.0786 0.0133  -0.0140 0.0106  10   SAR A O     
85  C  CN    . SAR A 10 ? 0.0897 0.0726 0.1035 -0.0203 -0.0376 0.0290  10   SAR A CN    
86  N  N     . MVA A 11 ? 0.0551 0.0483 0.0849 0.0030  -0.0095 0.0067  11   MVA A N     
87  C  CN    . MVA A 11 ? 0.0524 0.0853 0.1174 0.0089  -0.0128 0.0069  11   MVA A CN    
88  C  CA    . MVA A 11 ? 0.0569 0.0475 0.0721 -0.0090 -0.0111 0.0012  11   MVA A CA    
89  C  CB    . MVA A 11 ? 0.0782 0.0563 0.0903 -0.0146 -0.0062 -0.0074 11   MVA A CB    
90  C  CG1   . MVA A 11 ? 0.1232 0.0508 0.1341 -0.0214 -0.0105 -0.0081 11   MVA A CG1   
91  C  CG2   . MVA A 11 ? 0.0967 0.0880 0.0898 -0.0293 -0.0107 -0.0221 11   MVA A CG2   
92  C  C     . MVA A 11 ? 0.0388 0.0478 0.0737 -0.0052 -0.0129 0.0028  11   MVA A C     
93  O  O     . MVA A 11 ? 0.0632 0.0637 0.0827 -0.0061 -0.0393 -0.0005 11   MVA A O     
94  N  N     . CTH B 1  ? 0.0349 0.0458 0.0341 0.0021  0.0043  0.0111  1    CTH B N     
95  C  CA    . CTH B 1  ? 0.0355 0.0417 0.0336 0.0050  0.0017  0.0102  1    CTH B CA    
96  C  C     . CTH B 1  ? 0.0363 0.0369 0.0437 0.0012  -0.0043 -0.0007 1    CTH B C     
97  O  O     . CTH B 1  ? 0.0335 0.0619 0.0487 -0.0006 0.0018  0.0183  1    CTH B O     
98  C  CB    . CTH B 1  ? 0.0374 0.0417 0.0451 0.0046  0.0061  0.0069  1    CTH B CB    
99  C  CG2   . CTH B 1  ? 0.0457 0.0647 0.0767 0.0021  0.0002  -0.0138 1    CTH B CG2   
100 CL CL2   A CTH B 1  ? 0.0531 0.0795 0.0762 -0.0007 -0.0154 -0.0103 1    CTH B CL2   
101 CL CL2   B CTH B 1  ? 0.0620 0.0882 0.0969 -0.0082 -0.0012 -0.0261 1    CTH B CL2   
102 O  OG1   . CTH B 1  ? 0.0447 0.0448 0.0439 0.0042  0.0058  0.0038  1    CTH B OG1   
103 N  N     . DVA B 2  ? 0.0339 0.0497 0.0405 0.0062  -0.0024 0.0057  2    DVA B N     
104 C  CA    . DVA B 2  ? 0.0404 0.0541 0.0400 0.0108  -0.0026 0.0046  2    DVA B CA    
105 C  CB    . DVA B 2  ? 0.0611 0.0524 0.0496 0.0161  -0.0078 0.0052  2    DVA B CB    
106 C  CG1   . DVA B 2  ? 0.0601 0.0694 0.0797 0.0134  -0.0161 0.0151  2    DVA B CG1   
107 C  CG2   . DVA B 2  ? 0.0717 0.0609 0.0683 0.0046  -0.0060 0.0240  2    DVA B CG2   
108 C  C     . DVA B 2  ? 0.0370 0.0636 0.0402 0.0133  0.0026  0.0023  2    DVA B C     
109 O  O     . DVA B 2  ? 0.0438 0.0621 0.0469 0.0069  0.0017  -0.0083 2    DVA B O     
110 N  N     . POM B 3  ? 0.0460 0.0580 0.0444 0.0067  0.0007  -0.0025 3    POM B N     
111 C  CA    . POM B 3  ? 0.0448 0.0659 0.0460 0.0112  0.0005  -0.0085 3    POM B CA    
112 C  C     . POM B 3  ? 0.0447 0.0652 0.0426 0.0101  0.0047  0.0005  3    POM B C     
113 O  O     . POM B 3  ? 0.0671 0.0953 0.0678 0.0359  -0.0161 -0.0125 3    POM B O     
114 C  CB    . POM B 3  ? 0.0573 0.0639 0.0556 0.0132  0.0089  0.0058  3    POM B CB    
115 C  CG    . POM B 3  ? 0.0518 0.0728 0.0703 -0.0071 0.0001  0.0035  3    POM B CG    
116 C  CD    . POM B 3  ? 0.0511 0.0703 0.0538 -0.0066 -0.0013 -0.0049 3    POM B CD    
117 O  OG    . POM B 3  ? 0.1117 0.1361 0.0801 -0.0642 -0.0035 0.0151  3    POM B OG    
118 C  CD1   . POM B 3  ? 0.0627 0.1089 0.0633 -0.0104 -0.0131 -0.0079 3    POM B CD1   
119 N  N     . SAR B 4  ? 0.0433 0.0576 0.0493 -0.0010 0.0003  -0.0066 4    SAR B N     
120 C  CA    . SAR B 4  ? 0.0447 0.0559 0.0419 0.0010  -0.0037 0.0004  4    SAR B CA    
121 C  C     . SAR B 4  ? 0.0468 0.0477 0.0477 -0.0005 -0.0055 -0.0031 4    SAR B C     
122 O  O     . SAR B 4  ? 0.0534 0.0554 0.0390 0.0006  -0.0026 0.0051  4    SAR B O     
123 C  CN    . SAR B 4  ? 0.0751 0.0537 0.0672 0.0132  -0.0005 -0.0065 4    SAR B CN    
124 N  N     . MAA B 5  ? 0.0443 0.0580 0.0396 0.0033  0.0021  -0.0008 5    MAA B N     
125 C  CM    . MAA B 5  ? 0.0742 0.0696 0.0376 0.0010  -0.0051 -0.0016 5    MAA B CM    
126 C  CA    . MAA B 5  ? 0.0424 0.0499 0.0512 -0.0031 -0.0013 -0.0060 5    MAA B CA    
127 C  CB    . MAA B 5  ? 0.0625 0.0528 0.0733 -0.0031 0.0079  -0.0158 5    MAA B CB    
128 C  C     . MAA B 5  ? 0.0328 0.0396 0.0625 0.0046  0.0058  0.0037  5    MAA B C     
129 O  O     . MAA B 5  ? 0.0739 0.0407 0.0722 0.0063  0.0167  0.0072  5    MAA B O     
130 C  C1    . PXZ B 6  ? 0.0446 0.0388 0.0369 0.0078  0.0017  0.0043  6    PXZ B C1    
131 C  C0    . PXZ B 6  ? 0.0347 0.0437 0.0340 0.0057  0.0006  0.0066  6    PXZ B C0    
132 O  O1    . PXZ B 6  ? 0.0377 0.0564 0.0439 0.0076  0.0063  0.0085  6    PXZ B O1    
133 C  C2    . PXZ B 6  ? 0.0395 0.0523 0.0441 0.0140  0.0024  0.0046  6    PXZ B C2    
134 N  N2    . PXZ B 6  ? 0.0343 0.0821 0.0531 0.0143  0.0025  0.0151  6    PXZ B N2    
135 C  C3    . PXZ B 6  ? 0.0560 0.0616 0.0457 0.0207  0.0008  -0.0032 6    PXZ B C3    
136 O  O3    . PXZ B 6  ? 0.0527 0.0918 0.0704 0.0305  -0.0097 0.0082  6    PXZ B O3    
137 C  C4    . PXZ B 6  ? 0.0642 0.0569 0.0425 0.0161  -0.0053 0.0070  6    PXZ B C4    
138 O  O5    . PXZ B 6  ? 0.0776 0.0543 0.0417 -0.0025 -0.0039 0.0121  6    PXZ B O5    
139 C  C6    . PXZ B 6  ? 0.0995 0.0566 0.0358 -0.0209 0.0066  0.0089  6    PXZ B C6    
140 C  C7    . PXZ B 6  ? 0.0999 0.0681 0.0402 -0.0368 0.0101  0.0096  6    PXZ B C7    
141 C  C8    . PXZ B 6  ? 0.0675 0.0627 0.0474 -0.0194 0.0166  -0.0006 6    PXZ B C8    
142 C  C9    . PXZ B 6  ? 0.0593 0.0515 0.0280 -0.0079 0.0143  0.0001  6    PXZ B C9    
143 C  "C0'" . PXZ B 6  ? 0.0492 0.0463 0.0494 -0.0068 0.0128  0.0000  6    PXZ B "C0'" 
144 O  "O1'" . PXZ B 6  ? 0.0500 0.0733 0.0576 0.0051  0.0182  0.0029  6    PXZ B "O1'" 
145 N  N10   . PXZ B 6  ? 0.0486 0.0435 0.0340 -0.0002 0.0044  0.0051  6    PXZ B N10   
146 C  C11   . PXZ B 6  ? 0.0548 0.0393 0.0308 0.0021  0.0016  -0.0014 6    PXZ B C11   
147 C  C12   . PXZ B 6  ? 0.0650 0.0399 0.0372 0.0007  -0.0016 0.0062  6    PXZ B C12   
148 C  C13   . PXZ B 6  ? 0.0720 0.0470 0.0354 -0.0129 -0.0003 0.0041  6    PXZ B C13   
149 C  C14   . PXZ B 6  ? 0.0593 0.0422 0.0279 -0.0029 0.0134  0.0047  6    PXZ B C14   
150 C  C15   . PXZ B 6  ? 0.1020 0.0954 0.0556 0.0316  -0.0120 0.0185  6    PXZ B C15   
151 C  C16   . PXZ B 6  ? 0.1361 0.0722 0.0501 -0.0286 -0.0160 0.0252  6    PXZ B C16   
152 N  N     . THR B 7  ? 0.0434 0.0530 0.0330 0.0005  0.0066  0.0063  7    THR B N     
153 C  CA    . THR B 7  ? 0.0429 0.0433 0.0367 0.0044  0.0070  0.0069  7    THR B CA    
154 C  C     . THR B 7  ? 0.0442 0.0389 0.0392 0.0014  0.0135  0.0050  7    THR B C     
155 O  O     . THR B 7  ? 0.0464 0.0722 0.0474 0.0081  0.0123  0.0140  7    THR B O     
156 C  CB    . THR B 7  ? 0.0471 0.0569 0.0458 0.0032  0.0002  0.0028  7    THR B CB    
157 O  OG1   . THR B 7  ? 0.0566 0.0464 0.0482 0.0030  -0.0025 0.0005  7    THR B OG1   
158 C  CG2   . THR B 7  ? 0.0518 0.0674 0.0642 -0.0133 0.0042  0.0013  7    THR B CG2   
159 N  N     . DVA B 8  ? 0.0457 0.0514 0.0357 0.0075  0.0059  0.0103  8    DVA B N     
160 C  CA    . DVA B 8  ? 0.0507 0.0505 0.0350 0.0097  0.0102  0.0070  8    DVA B CA    
161 C  CB    . DVA B 8  ? 0.0580 0.0579 0.0418 0.0060  0.0026  0.0120  8    DVA B CB    
162 C  CG1   . DVA B 8  ? 0.0800 0.1116 0.0490 -0.0074 -0.0093 0.0061  8    DVA B CG1   
163 C  CG2   . DVA B 8  ? 0.0864 0.0840 0.0381 0.0087  0.0085  0.0160  8    DVA B CG2   
164 C  C     . DVA B 8  ? 0.0538 0.0440 0.0307 0.0101  0.0176  0.0111  8    DVA B C     
165 O  O     . DVA B 8  ? 0.0586 0.0487 0.0453 0.0041  0.0142  0.0008  8    DVA B O     
166 N  N     . H5M B 9  ? 0.0508 0.0379 0.0463 -0.0011 0.0161  0.0012  9    H5M B N     
167 C  CA    . H5M B 9  ? 0.0470 0.0398 0.0474 0.0019  0.0171  0.0002  9    H5M B CA    
168 C  C     . H5M B 9  ? 0.0442 0.0589 0.0463 0.0068  0.0131  -0.0018 9    H5M B C     
169 O  O     . H5M B 9  ? 0.0689 0.0670 0.0417 -0.0038 0.0185  0.0032  9    H5M B O     
170 C  CB    . H5M B 9  ? 0.0520 0.0594 0.0503 0.0049  0.0150  -0.0035 9    H5M B CB    
171 C  CG    . H5M B 9  ? 0.0453 0.0726 0.0686 -0.0045 0.0098  -0.0063 9    H5M B CG    
172 C  CD    . H5M B 9  ? 0.0510 0.0574 0.0523 -0.0054 0.0137  -0.0012 9    H5M B CD    
173 O  OB    . H5M B 9  ? 0.0645 0.0688 0.0577 0.0142  -0.0034 -0.0001 9    H5M B OB    
174 C  CD1   . H5M B 9  ? 0.0725 0.0714 0.0701 -0.0208 0.0095  0.0247  9    H5M B CD1   
175 N  N     . SAR B 10 ? 0.0733 0.0529 0.0607 -0.0098 0.0236  -0.0070 10   SAR B N     
176 C  CA    . SAR B 10 ? 0.0717 0.0486 0.0688 0.0046  0.0121  -0.0047 10   SAR B CA    
177 C  C     . SAR B 10 ? 0.0708 0.0436 0.0517 0.0037  0.0161  -0.0012 10   SAR B C     
178 O  O     . SAR B 10 ? 0.0827 0.0499 0.0655 0.0067  0.0101  0.0122  10   SAR B O     
179 C  CN    . SAR B 10 ? 0.1301 0.0630 0.0687 -0.0040 0.0347  -0.0191 10   SAR B CN    
180 N  N     . MVA B 11 ? 0.0623 0.0511 0.0508 0.0018  0.0038  -0.0016 11   MVA B N     
181 C  CN    . MVA B 11 ? 0.0816 0.0606 0.0651 -0.0011 -0.0019 0.0053  11   MVA B CN    
182 C  CA    . MVA B 11 ? 0.0674 0.0464 0.0486 -0.0031 0.0066  0.0030  11   MVA B CA    
183 C  CB    . MVA B 11 ? 0.0794 0.0583 0.0575 0.0024  -0.0039 -0.0088 11   MVA B CB    
184 C  CG1   . MVA B 11 ? 0.1005 0.0880 0.0941 -0.0230 -0.0171 -0.0162 11   MVA B CG1   
185 C  CG2   . MVA B 11 ? 0.0995 0.1080 0.1029 0.0084  -0.0038 -0.0516 11   MVA B CG2   
186 C  C     . MVA B 11 ? 0.0527 0.0591 0.0421 -0.0025 -0.0023 -0.0023 11   MVA B C     
187 O  O     . MVA B 11 ? 0.0709 0.0769 0.0540 0.0125  -0.0131 -0.0121 11   MVA B O     
188 C  C1    . BNZ C .  ? 0.0779 0.0739 0.1277 0.0051  -0.0013 0.0190  101  BNZ A C1    
189 C  C2    . BNZ C .  ? 0.0613 0.0732 0.1356 -0.0011 0.0049  0.0234  101  BNZ A C2    
190 C  C3    . BNZ C .  ? 0.0702 0.0549 0.1404 -0.0133 -0.0185 0.0148  101  BNZ A C3    
191 C  C4    . BNZ C .  ? 0.0570 0.0573 0.1956 -0.0117 -0.0113 -0.0058 101  BNZ A C4    
192 C  C5    . BNZ C .  ? 0.0806 0.0703 0.1846 -0.0126 0.0245  -0.0110 101  BNZ A C5    
193 C  C6    . BNZ C .  ? 0.0943 0.0767 0.1327 -0.0088 0.0127  0.0063  101  BNZ A C6    
194 C  C1    . BNZ D .  ? 0.2356 0.1199 0.1933 0.0148  0.0282  -0.0191 109  BNZ A C1    
195 C  C2    . BNZ D .  ? 0.2321 0.1494 0.1825 0.0136  -0.0228 -0.0508 109  BNZ A C2    
196 C  C3    . BNZ D .  ? 0.1723 0.1264 0.2586 0.0073  0.0285  -0.0504 109  BNZ A C3    
197 C  C4    . BNZ D .  ? 0.1786 0.1362 0.2004 0.0728  0.0763  -0.0239 109  BNZ A C4    
198 C  C5    . BNZ D .  ? 0.2024 0.1404 0.1731 0.0821  -0.0195 -0.0543 109  BNZ A C5    
199 C  C6    . BNZ D .  ? 0.1707 0.1056 0.2392 0.0191  -0.0092 -0.0558 109  BNZ A C6    
200 C  C1    . BNZ E .  ? 0.1885 0.1233 0.1531 0.0253  0.0484  0.0286  110  BNZ A C1    
201 C  C2    . BNZ E .  ? 0.1574 0.1379 0.1054 -0.0128 -0.0304 0.0055  110  BNZ A C2    
202 C  C3    . BNZ E .  ? 0.1172 0.0995 0.1395 0.0054  -0.0012 0.0319  110  BNZ A C3    
203 C  C4    . BNZ E .  ? 0.2125 0.1077 0.1021 0.0608  0.0000  0.0328  110  BNZ A C4    
204 C  C5    . BNZ E .  ? 0.1905 0.1440 0.1764 0.0536  -0.0636 0.0519  110  BNZ A C5    
205 C  C6    . BNZ E .  ? 0.1265 0.1306 0.2570 0.0370  0.0127  0.0859  110  BNZ A C6    
206 C  C1    . BNZ F .  ? 0.2375 0.1864 0.1849 -0.0124 -0.0697 0.0593  115  BNZ A C1    
207 C  C2    . BNZ F .  ? 0.2404 0.1348 0.1081 -0.0057 -0.0356 0.0392  115  BNZ A C2    
208 C  C3    . BNZ F .  ? 0.3083 0.1317 0.0985 0.0209  -0.0435 0.0063  115  BNZ A C3    
209 C  C4    . BNZ F .  ? 0.3520 0.1379 0.1304 0.0637  0.0019  0.0088  115  BNZ A C4    
210 C  C5    . BNZ F .  ? 0.2216 0.1737 0.1621 0.1029  0.0625  0.0309  115  BNZ A C5    
211 C  C6    . BNZ F .  ? 0.1917 0.2166 0.2082 0.0489  -0.0102 0.0724  115  BNZ A C6    
212 C  C1    A BNZ G .  ? 0.2163 0.1783 0.2748 -0.0034 0.0303  -0.0108 116  BNZ A C1    
213 C  C1    B BNZ G .  ? 0.1287 0.2194 0.2949 0.0585  -0.0211 -0.0168 116  BNZ A C1    
214 C  C2    A BNZ G .  ? 0.1922 0.1742 0.1849 0.0243  0.0102  0.0060  116  BNZ A C2    
215 C  C2    B BNZ G .  ? 0.1375 0.1749 0.2482 0.0613  0.0018  0.0074  116  BNZ A C2    
216 C  C3    A BNZ G .  ? 0.1427 0.1316 0.2139 0.0635  -0.0127 0.0196  116  BNZ A C3    
217 C  C3    B BNZ G .  ? 0.1354 0.1574 0.2270 0.0712  -0.0153 0.0081  116  BNZ A C3    
218 C  C4    A BNZ G .  ? 0.1187 0.1230 0.2410 0.0610  -0.0045 0.0214  116  BNZ A C4    
219 C  C4    B BNZ G .  ? 0.1271 0.1342 0.2389 0.0696  -0.0132 0.0076  116  BNZ A C4    
220 C  C5    A BNZ G .  ? 0.1155 0.1517 0.2474 0.0566  -0.0201 -0.0157 116  BNZ A C5    
221 C  C5    B BNZ G .  ? 0.1520 0.1715 0.2385 0.0536  -0.0145 -0.0050 116  BNZ A C5    
222 C  C6    A BNZ G .  ? 0.1795 0.1553 0.2952 0.0133  0.0010  -0.0441 116  BNZ A C6    
223 C  C6    B BNZ G .  ? 0.1538 0.2593 0.2651 0.0285  -0.0286 -0.0255 116  BNZ A C6    
224 C  C1    A BNZ H .  ? 0.1152 0.2001 0.1661 0.0489  0.0205  0.0000  118  BNZ A C1    
225 C  C1    B BNZ H .  ? 0.1359 0.1729 0.1666 0.0111  0.0336  0.0147  118  BNZ A C1    
226 C  C2    A BNZ H .  ? 0.1373 0.1712 0.1905 0.0261  0.0264  0.0284  118  BNZ A C2    
227 C  C2    B BNZ H .  ? 0.1207 0.2015 0.1654 0.0373  0.0066  0.0090  118  BNZ A C2    
228 C  C3    A BNZ H .  ? 0.1251 0.0902 0.1950 0.0217  0.0061  0.0095  118  BNZ A C3    
229 C  C3    B BNZ H .  ? 0.1293 0.1714 0.1780 0.0227  0.0029  -0.0081 118  BNZ A C3    
230 C  C4    A BNZ H .  ? 0.1045 0.1358 0.1597 -0.0003 -0.0028 -0.0189 118  BNZ A C4    
231 C  C4    B BNZ H .  ? 0.1139 0.1368 0.2035 0.0096  0.0014  0.0039  118  BNZ A C4    
232 C  C5    A BNZ H .  ? 0.1333 0.1747 0.1333 0.0062  0.0010  0.0100  118  BNZ A C5    
233 C  C5    B BNZ H .  ? 0.1329 0.1557 0.1992 -0.0138 -0.0175 0.0104  118  BNZ A C5    
234 C  C6    A BNZ H .  ? 0.1411 0.1494 0.1897 0.0289  0.0050  0.0186  118  BNZ A C6    
235 C  C6    B BNZ H .  ? 0.1445 0.1844 0.1606 -0.0185 0.0045  0.0008  118  BNZ A C6    
236 C  C1    A BNZ I .  ? 0.2052 0.2118 0.1454 -0.0350 -0.0111 0.0355  119  BNZ A C1    
237 C  C1    B BNZ I .  ? 0.1265 0.1301 0.1623 0.0279  0.0280  -0.0386 119  BNZ A C1    
238 C  C2    A BNZ I .  ? 0.1650 0.1836 0.1583 -0.0419 -0.0005 -0.0070 119  BNZ A C2    
239 C  C2    B BNZ I .  ? 0.1017 0.1454 0.1451 0.0483  0.0102  -0.0281 119  BNZ A C2    
240 C  C3    A BNZ I .  ? 0.1639 0.1807 0.1591 -0.0305 0.0319  -0.0203 119  BNZ A C3    
241 C  C3    B BNZ I .  ? 0.1207 0.1315 0.1177 0.0145  0.0108  -0.0209 119  BNZ A C3    
242 C  C4    A BNZ I .  ? 0.1590 0.1830 0.1463 -0.0168 0.0284  -0.0382 119  BNZ A C4    
243 C  C4    B BNZ I .  ? 0.1259 0.0975 0.1321 0.0225  0.0311  0.0219  119  BNZ A C4    
244 C  C5    A BNZ I .  ? 0.1237 0.1511 0.2123 -0.0059 0.0312  -0.0143 119  BNZ A C5    
245 C  C5    B BNZ I .  ? 0.1171 0.1487 0.0808 0.0315  0.0083  0.0420  119  BNZ A C5    
246 C  C6    A BNZ I .  ? 0.1889 0.1697 0.1610 -0.0344 -0.0024 0.0755  119  BNZ A C6    
247 C  C6    B BNZ I .  ? 0.1247 0.1843 0.1175 0.0075  -0.0115 -0.0336 119  BNZ A C6    
248 C  C1    . BNZ J .  ? 0.1365 0.2115 0.3646 0.0324  -0.0685 0.0267  120  BNZ A C1    
249 C  C2    . BNZ J .  ? 0.1742 0.1322 0.3299 0.0357  -0.1063 0.0333  120  BNZ A C2    
250 C  C3    . BNZ J .  ? 0.2427 0.1537 0.1709 0.0212  -0.0656 0.0151  120  BNZ A C3    
251 C  C4    . BNZ J .  ? 0.2334 0.1394 0.1558 0.0481  -0.0574 -0.0256 120  BNZ A C4    
252 C  C5    . BNZ J .  ? 0.1976 0.0865 0.1877 0.0029  -0.1099 -0.0072 120  BNZ A C5    
253 C  C6    . BNZ J .  ? 0.1573 0.1916 0.2464 -0.0200 -0.0931 0.0307  120  BNZ A C6    
254 C  C1    . BNZ K .  ? 0.0601 0.0716 0.0908 -0.0058 -0.0214 -0.0213 102  BNZ B C1    
255 C  C2    . BNZ K .  ? 0.0500 0.0966 0.0627 -0.0142 -0.0042 -0.0177 102  BNZ B C2    
256 C  C3    . BNZ K .  ? 0.0845 0.0791 0.0748 0.0013  -0.0269 0.0010  102  BNZ B C3    
257 C  C4    . BNZ K .  ? 0.0789 0.1058 0.0998 0.0264  -0.0065 -0.0326 102  BNZ B C4    
258 C  C5    . BNZ K .  ? 0.0708 0.1504 0.0691 -0.0160 0.0031  -0.0242 102  BNZ B C5    
259 C  C6    . BNZ K .  ? 0.0912 0.0873 0.0746 -0.0314 -0.0282 0.0062  102  BNZ B C6    
260 C  C1    . BNZ L .  ? 0.0968 0.0540 0.1509 0.0025  0.0028  -0.0214 103  BNZ B C1    
261 C  C2    . BNZ L .  ? 0.1529 0.0663 0.1056 -0.0053 0.0446  -0.0067 103  BNZ B C2    
262 C  C3    . BNZ L .  ? 0.1596 0.0739 0.0810 0.0090  -0.0036 -0.0091 103  BNZ B C3    
263 C  C4    . BNZ L .  ? 0.0876 0.0716 0.1131 0.0273  -0.0044 -0.0051 103  BNZ B C4    
264 C  C5    . BNZ L .  ? 0.1141 0.0659 0.0887 0.0108  0.0213  0.0011  103  BNZ B C5    
265 C  C6    . BNZ L .  ? 0.1279 0.0622 0.0999 0.0256  -0.0278 -0.0019 103  BNZ B C6    
266 C  C1    . BNZ M .  ? 0.0760 0.1015 0.0791 -0.0100 -0.0002 0.0325  104  BNZ B C1    
267 C  C2    . BNZ M .  ? 0.0883 0.1174 0.1019 -0.0136 -0.0276 0.0509  104  BNZ B C2    
268 C  C3    . BNZ M .  ? 0.0639 0.0855 0.1081 -0.0096 -0.0100 0.0187  104  BNZ B C3    
269 C  C4    . BNZ M .  ? 0.0788 0.0702 0.0676 -0.0070 0.0067  -0.0019 104  BNZ B C4    
270 C  C5    . BNZ M .  ? 0.0798 0.0719 0.0523 0.0029  -0.0037 -0.0089 104  BNZ B C5    
271 C  C6    . BNZ M .  ? 0.0630 0.0590 0.0721 0.0066  -0.0042 -0.0035 104  BNZ B C6    
272 C  C1    . BNZ N .  ? 0.1870 0.0585 0.0745 -0.0050 0.0230  0.0035  105  BNZ B C1    
273 C  C2    . BNZ N .  ? 0.2011 0.0576 0.0726 -0.0128 0.0261  0.0048  105  BNZ B C2    
274 C  C3    . BNZ N .  ? 0.1828 0.0923 0.0602 -0.0441 0.0032  0.0087  105  BNZ B C3    
275 C  C4    . BNZ N .  ? 0.1536 0.1323 0.0736 -0.0466 -0.0040 0.0048  105  BNZ B C4    
276 C  C5    . BNZ N .  ? 0.1469 0.1257 0.0696 -0.0512 0.0025  0.0064  105  BNZ B C5    
277 C  C6    . BNZ N .  ? 0.1620 0.0742 0.0636 -0.0361 0.0105  0.0089  105  BNZ B C6    
278 C  C1    . BNZ O .  ? 0.1679 0.1087 0.1063 0.0508  -0.0271 -0.0351 106  BNZ B C1    
279 C  C2    . BNZ O .  ? 0.1240 0.0912 0.1383 0.0254  0.0168  0.0032  106  BNZ B C2    
280 C  C3    . BNZ O .  ? 0.1609 0.1087 0.0905 0.0233  0.0013  0.0048  106  BNZ B C3    
281 C  C4    . BNZ O .  ? 0.1434 0.1133 0.1528 0.0130  -0.0049 -0.0240 106  BNZ B C4    
282 C  C5    . BNZ O .  ? 0.1704 0.0817 0.1649 0.0152  0.0742  -0.0121 106  BNZ B C5    
283 C  C6    . BNZ O .  ? 0.2297 0.1012 0.0821 0.0601  0.0492  -0.0055 106  BNZ B C6    
284 C  C1    . BNZ P .  ? 0.1377 0.1043 0.1336 0.0056  0.0203  0.0130  107  BNZ B C1    
285 C  C2    . BNZ P .  ? 0.1305 0.1427 0.1153 -0.0051 0.0048  -0.0007 107  BNZ B C2    
286 C  C3    . BNZ P .  ? 0.1221 0.1389 0.1194 -0.0063 0.0126  0.0181  107  BNZ B C3    
287 C  C4    . BNZ P .  ? 0.1085 0.1196 0.1466 -0.0232 0.0047  0.0032  107  BNZ B C4    
288 C  C5    . BNZ P .  ? 0.1247 0.1102 0.1507 -0.0130 0.0281  -0.0219 107  BNZ B C5    
289 C  C6    . BNZ P .  ? 0.1595 0.1046 0.1424 0.0021  0.0316  0.0085  107  BNZ B C6    
290 C  C1    . BNZ Q .  ? 0.1749 0.1585 0.1553 -0.0579 0.0097  0.0348  108  BNZ B C1    
291 C  C2    . BNZ Q .  ? 0.2179 0.1404 0.1374 -0.0543 0.0437  -0.0107 108  BNZ B C2    
292 C  C3    . BNZ Q .  ? 0.2143 0.1208 0.2018 0.0004  0.0095  0.0293  108  BNZ B C3    
293 C  C4    . BNZ Q .  ? 0.2014 0.1322 0.1706 -0.0178 -0.0545 0.0493  108  BNZ B C4    
294 C  C5    . BNZ Q .  ? 0.2254 0.1021 0.1472 -0.0236 -0.0534 0.0194  108  BNZ B C5    
295 C  C6    . BNZ Q .  ? 0.1890 0.1315 0.1494 -0.0092 -0.0054 0.0398  108  BNZ B C6    
296 C  C1    . BNZ R .  ? 0.1046 0.1215 0.1653 -0.0042 0.0397  -0.0074 111  BNZ B C1    
297 C  C2    . BNZ R .  ? 0.0706 0.1051 0.1537 0.0004  0.0020  -0.0098 111  BNZ B C2    
298 C  C3    . BNZ R .  ? 0.0796 0.0900 0.1148 0.0044  -0.0041 0.0226  111  BNZ B C3    
299 C  C4    . BNZ R .  ? 0.0819 0.1637 0.1095 0.0163  -0.0048 0.0482  111  BNZ B C4    
300 C  C5    . BNZ R .  ? 0.1023 0.1874 0.1365 0.0592  0.0109  0.0708  111  BNZ B C5    
301 C  C6    . BNZ R .  ? 0.1106 0.1184 0.1768 0.0485  0.0548  0.0417  111  BNZ B C6    
302 C  C1    . BNZ S .  ? 0.1806 0.1582 0.2334 -0.0510 -0.0163 0.0576  112  BNZ B C1    
303 C  C2    . BNZ S .  ? 0.1470 0.1451 0.2365 -0.0463 0.0372  0.0174  112  BNZ B C2    
304 C  C3    . BNZ S .  ? 0.1166 0.1183 0.2027 -0.0047 0.0276  -0.0270 112  BNZ B C3    
305 C  C4    . BNZ S .  ? 0.1029 0.0903 0.1783 0.0025  0.0297  0.0027  112  BNZ B C4    
306 C  C5    . BNZ S .  ? 0.1119 0.1008 0.1321 -0.0039 0.0245  -0.0001 112  BNZ B C5    
307 C  C6    . BNZ S .  ? 0.1368 0.1342 0.1157 -0.0333 -0.0174 0.0293  112  BNZ B C6    
308 C  C1    . BNZ T .  ? 0.1819 0.1399 0.1610 0.0278  0.0471  0.0445  113  BNZ B C1    
309 C  C2    . BNZ T .  ? 0.1478 0.1125 0.1872 0.0663  -0.0141 -0.0141 113  BNZ B C2    
310 C  C3    . BNZ T .  ? 0.2465 0.1012 0.0729 0.0844  -0.0067 -0.0028 113  BNZ B C3    
311 C  C4    . BNZ T .  ? 0.2330 0.0870 0.1341 0.0123  0.0658  -0.0028 113  BNZ B C4    
312 C  C5    . BNZ T .  ? 0.1358 0.0985 0.1759 -0.0044 -0.0179 -0.0491 113  BNZ B C5    
313 C  C6    . BNZ T .  ? 0.2090 0.1418 0.0802 0.0490  -0.0227 0.0276  113  BNZ B C6    
314 C  C1    . BNZ U .  ? 0.1851 0.1922 0.3537 0.0284  -0.1647 -0.0751 114  BNZ B C1    
315 C  C2    . BNZ U .  ? 0.2025 0.1462 0.2414 0.0168  -0.1212 -0.0686 114  BNZ B C2    
316 C  C3    . BNZ U .  ? 0.1732 0.1495 0.1130 0.0027  -0.0270 -0.0270 114  BNZ B C3    
317 C  C4    . BNZ U .  ? 0.1800 0.1296 0.0823 -0.0258 0.0144  0.0140  114  BNZ B C4    
318 C  C5    . BNZ U .  ? 0.2254 0.1134 0.0856 0.0150  -0.0717 0.0072  114  BNZ B C5    
319 C  C6    . BNZ U .  ? 0.2064 0.1937 0.2450 0.0640  -0.1473 -0.0774 114  BNZ B C6    
320 C  C1    A BNZ V .  ? 0.3696 0.2296 0.2525 -0.1526 0.0466  -0.0886 117  BNZ B C1    
321 C  C1    B BNZ V .  ? 0.3294 0.3140 0.1458 -0.1543 0.0794  -0.1091 117  BNZ B C1    
322 C  C2    A BNZ V .  ? 0.3351 0.2785 0.1932 -0.1726 0.0679  -0.0953 117  BNZ B C2    
323 C  C2    B BNZ V .  ? 0.3483 0.2964 0.1520 -0.1666 0.0706  -0.0854 117  BNZ B C2    
324 C  C3    A BNZ V .  ? 0.3305 0.2868 0.1634 -0.1642 0.0740  -0.1199 117  BNZ B C3    
325 C  C3    B BNZ V .  ? 0.3444 0.2906 0.1691 -0.1674 0.0820  -0.0583 117  BNZ B C3    
326 C  C4    A BNZ V .  ? 0.3433 0.3164 0.1458 -0.1318 0.0927  -0.1168 117  BNZ B C4    
327 C  C4    B BNZ V .  ? 0.3624 0.2850 0.1815 -0.1387 0.1077  -0.0774 117  BNZ B C4    
328 C  C5    A BNZ V .  ? 0.3705 0.3056 0.1496 -0.1180 0.1042  -0.1039 117  BNZ B C5    
329 C  C5    B BNZ V .  ? 0.3508 0.2855 0.1665 -0.1379 0.0893  -0.1073 117  BNZ B C5    
330 C  C6    A BNZ V .  ? 0.3881 0.2855 0.2009 -0.1093 0.0901  -0.0826 117  BNZ B C6    
331 C  C6    B BNZ V .  ? 0.3267 0.2783 0.1767 -0.1442 0.0887  -0.1058 117  BNZ B C6    
332 O  O     . HOH W .  ? 0.0760 0.0805 0.1060 -0.0028 0.0012  0.0025  2001 HOH A O     
# 
